data_4Z7F
#
_entry.id   4Z7F
#
_cell.length_a   92.752
_cell.length_b   92.752
_cell.length_c   183.445
_cell.angle_alpha   90.00
_cell.angle_beta   90.00
_cell.angle_gamma   120.00
#
_symmetry.space_group_name_H-M   'P 31'
#
loop_
_entity.id
_entity.type
_entity.pdbx_description
1 polymer 'Folate ECF transporter'
2 non-polymer 'FOLIC ACID'
#
_entity_poly.entity_id   1
_entity_poly.type   'polypeptide(L)'
_entity_poly.pdbx_seq_one_letter_code
;MGSSHHHHHHSSGLVPRGSHMTKKKFGTKSIALMGVLIAVVVVFSRFFAYETTFLKISFTFIPESLIGMIFGPFWAGIGT
AVADVVGMLLFPKAGYFPGFTLNAFLAGAIYGYFYYKKEMTWQRVILATLLVTVLINIILTPLWLSLMYGVNLANFAWWV
PRLIKTVIFFPIQVIATYYLGNKIPFKRLFGKPLSELDQ
;
_entity_poly.pdbx_strand_id   A,B,C,D,E,F
#
# COMPACT_ATOMS: atom_id res chain seq x y z
N GLY A 27 -48.54 0.15 38.75
CA GLY A 27 -47.29 -0.43 39.23
C GLY A 27 -46.21 0.63 39.40
N THR A 28 -45.61 0.69 40.57
CA THR A 28 -44.60 1.71 40.83
C THR A 28 -43.30 1.34 40.16
N LYS A 29 -42.83 0.13 40.38
CA LYS A 29 -41.49 -0.21 39.93
C LYS A 29 -41.46 0.12 38.47
N SER A 30 -42.55 -0.23 37.82
CA SER A 30 -42.66 -0.02 36.42
C SER A 30 -42.57 1.47 36.20
N ILE A 31 -43.22 2.24 37.05
CA ILE A 31 -43.19 3.68 36.89
C ILE A 31 -41.80 4.28 37.06
N ALA A 32 -41.01 3.79 37.99
CA ALA A 32 -39.68 4.33 38.19
C ALA A 32 -38.91 4.08 36.94
N LEU A 33 -39.09 2.88 36.42
CA LEU A 33 -38.33 2.52 35.24
C LEU A 33 -38.71 3.47 34.16
N MET A 34 -40.00 3.68 34.02
CA MET A 34 -40.49 4.46 32.94
C MET A 34 -39.98 5.86 33.03
N GLY A 35 -39.95 6.40 34.23
CA GLY A 35 -39.53 7.76 34.40
C GLY A 35 -38.11 7.89 33.98
N VAL A 36 -37.26 6.99 34.42
CA VAL A 36 -35.86 7.09 34.02
C VAL A 36 -35.72 6.95 32.51
N LEU A 37 -36.47 6.02 31.92
CA LEU A 37 -36.35 5.83 30.48
C LEU A 37 -36.85 7.02 29.69
N ILE A 38 -37.93 7.60 30.14
CA ILE A 38 -38.47 8.75 29.48
C ILE A 38 -37.43 9.82 29.59
N ALA A 39 -36.74 9.84 30.72
CA ALA A 39 -35.70 10.80 30.95
C ALA A 39 -34.54 10.65 29.97
N VAL A 40 -34.11 9.42 29.72
CA VAL A 40 -33.03 9.22 28.77
C VAL A 40 -33.38 9.56 27.33
N VAL A 41 -34.56 9.18 26.89
CA VAL A 41 -35.00 9.54 25.56
C VAL A 41 -34.89 11.03 25.46
N VAL A 42 -35.33 11.70 26.50
CA VAL A 42 -35.33 13.14 26.46
C VAL A 42 -33.91 13.57 26.31
N VAL A 43 -33.00 12.95 27.04
CA VAL A 43 -31.61 13.36 26.99
C VAL A 43 -31.03 13.21 25.62
N PHE A 44 -31.31 12.09 24.95
CA PHE A 44 -30.70 11.90 23.64
C PHE A 44 -31.20 13.03 22.78
N SER A 45 -32.51 13.20 22.72
CA SER A 45 -33.02 14.19 21.77
C SER A 45 -32.51 15.56 22.15
N ARG A 46 -32.27 15.68 23.42
CA ARG A 46 -31.87 16.87 24.11
C ARG A 46 -30.53 17.47 23.76
N PHE A 47 -29.44 16.71 23.79
CA PHE A 47 -28.13 17.44 23.81
C PHE A 47 -27.05 17.11 22.81
N PHE A 48 -27.31 16.05 22.12
CA PHE A 48 -26.37 15.24 21.34
C PHE A 48 -27.01 14.72 20.07
N ALA A 49 -27.96 15.50 19.57
CA ALA A 49 -28.52 15.27 18.26
C ALA A 49 -27.86 16.25 17.32
N TYR A 50 -27.90 15.97 16.02
CA TYR A 50 -27.61 16.94 14.96
C TYR A 50 -28.95 17.62 14.61
N GLU A 51 -29.24 18.78 15.19
CA GLU A 51 -30.55 19.36 14.84
C GLU A 51 -30.51 20.66 14.08
N THR A 52 -31.03 20.57 12.87
CA THR A 52 -31.17 21.71 11.98
C THR A 52 -32.58 21.67 11.41
N THR A 53 -32.98 22.77 10.78
CA THR A 53 -34.37 23.06 10.48
C THR A 53 -35.18 21.94 9.82
N PHE A 54 -34.64 21.24 8.82
CA PHE A 54 -35.35 20.10 8.19
C PHE A 54 -34.64 18.74 8.34
N LEU A 55 -33.74 18.62 9.32
CA LEU A 55 -33.20 17.30 9.68
C LEU A 55 -32.66 17.20 11.14
N LYS A 56 -32.95 16.08 11.82
CA LYS A 56 -32.32 15.76 13.11
C LYS A 56 -31.61 14.43 12.98
N ILE A 57 -30.40 14.34 13.50
CA ILE A 57 -29.72 13.06 13.62
C ILE A 57 -29.46 12.77 15.06
N SER A 58 -30.25 11.89 15.65
CA SER A 58 -29.97 11.63 17.04
C SER A 58 -29.86 10.16 17.25
N PHE A 59 -29.73 9.75 18.50
CA PHE A 59 -29.76 8.34 18.84
C PHE A 59 -30.95 8.08 19.78
N THR A 60 -32.14 8.48 19.31
CA THR A 60 -33.37 8.45 20.07
C THR A 60 -34.12 7.13 19.83
N PHE A 61 -33.56 6.32 18.95
CA PHE A 61 -33.95 4.94 18.66
C PHE A 61 -33.52 3.92 19.70
N ILE A 62 -32.37 4.13 20.35
CA ILE A 62 -31.87 3.14 21.33
C ILE A 62 -32.67 3.05 22.63
N PRO A 63 -32.85 4.18 23.34
CA PRO A 63 -33.68 3.93 24.52
C PRO A 63 -35.08 3.45 24.13
N GLU A 64 -35.66 3.99 23.08
CA GLU A 64 -37.00 3.60 22.70
C GLU A 64 -37.21 2.16 22.29
N SER A 65 -36.16 1.44 21.93
CA SER A 65 -36.40 0.06 21.58
C SER A 65 -36.27 -0.84 22.81
N LEU A 66 -35.49 -0.38 23.76
CA LEU A 66 -35.42 -0.99 25.07
C LEU A 66 -36.79 -0.82 25.73
N ILE A 67 -37.35 0.37 25.55
CA ILE A 67 -38.66 0.70 26.08
C ILE A 67 -39.74 -0.05 25.34
N GLY A 68 -39.44 -0.44 24.11
CA GLY A 68 -40.39 -1.26 23.38
C GLY A 68 -40.35 -2.69 23.86
N MET A 69 -39.15 -3.17 24.13
CA MET A 69 -38.87 -4.49 24.71
C MET A 69 -39.43 -4.78 26.13
N ILE A 70 -39.17 -3.86 27.04
CA ILE A 70 -39.72 -3.96 28.36
C ILE A 70 -41.22 -3.77 28.50
N PHE A 71 -41.76 -2.74 27.86
CA PHE A 71 -43.12 -2.35 28.11
C PHE A 71 -44.15 -2.67 27.05
N GLY A 72 -43.73 -3.16 25.90
CA GLY A 72 -44.68 -3.57 24.90
C GLY A 72 -45.28 -2.43 24.10
N PRO A 73 -46.19 -2.83 23.11
CA PRO A 73 -46.58 -1.75 22.21
C PRO A 73 -47.36 -0.55 22.77
N PHE A 74 -48.42 -0.75 23.53
CA PHE A 74 -49.21 0.40 23.96
C PHE A 74 -48.44 1.29 24.90
N TRP A 75 -47.76 0.70 25.87
CA TRP A 75 -47.11 1.53 26.87
C TRP A 75 -45.74 2.04 26.44
N ALA A 76 -45.14 1.43 25.42
CA ALA A 76 -43.94 2.01 24.84
C ALA A 76 -44.40 3.18 23.98
N GLY A 77 -45.53 2.99 23.29
CA GLY A 77 -46.15 4.06 22.53
C GLY A 77 -46.43 5.30 23.38
N ILE A 78 -47.17 5.10 24.47
CA ILE A 78 -47.45 6.23 25.36
C ILE A 78 -46.15 6.73 25.99
N GLY A 79 -45.24 5.79 26.27
CA GLY A 79 -44.00 6.13 26.95
C GLY A 79 -43.27 7.21 26.21
N THR A 80 -43.06 6.94 24.92
CA THR A 80 -42.29 7.84 24.09
C THR A 80 -43.04 9.05 23.61
N ALA A 81 -44.36 8.92 23.42
CA ALA A 81 -45.11 10.12 23.05
C ALA A 81 -44.97 11.19 24.13
N VAL A 82 -45.26 10.80 25.38
CA VAL A 82 -45.10 11.75 26.49
C VAL A 82 -43.64 12.14 26.70
N ALA A 83 -42.71 11.26 26.32
CA ALA A 83 -41.31 11.63 26.39
C ALA A 83 -41.02 12.80 25.46
N ASP A 84 -41.69 12.81 24.31
CA ASP A 84 -41.53 13.93 23.38
C ASP A 84 -42.13 15.18 24.01
N VAL A 85 -43.34 15.07 24.57
CA VAL A 85 -44.03 16.28 25.06
C VAL A 85 -43.32 16.89 26.29
N VAL A 86 -42.67 16.03 27.07
CA VAL A 86 -41.81 16.49 28.16
C VAL A 86 -40.61 17.20 27.58
N GLY A 87 -40.09 16.58 26.50
CA GLY A 87 -39.04 17.12 25.66
C GLY A 87 -39.26 18.55 25.21
N MET A 88 -40.40 18.82 24.57
CA MET A 88 -40.66 20.18 24.09
C MET A 88 -41.11 21.14 25.17
N LEU A 89 -41.85 20.66 26.18
CA LEU A 89 -42.18 21.54 27.32
C LEU A 89 -40.91 22.05 27.95
N LEU A 90 -39.92 21.21 28.14
CA LEU A 90 -38.63 21.68 28.62
C LEU A 90 -37.80 22.54 27.69
N PHE A 91 -37.74 22.16 26.41
CA PHE A 91 -36.82 22.74 25.46
C PHE A 91 -37.61 23.12 24.24
N PRO A 92 -38.36 24.30 24.38
CA PRO A 92 -39.35 24.49 23.32
C PRO A 92 -38.93 25.30 22.12
N LYS A 93 -37.74 25.87 22.08
CA LYS A 93 -37.46 26.94 21.15
C LYS A 93 -37.69 26.45 19.76
N ALA A 94 -37.60 25.15 19.58
CA ALA A 94 -37.82 24.53 18.29
C ALA A 94 -39.23 24.75 17.78
N GLY A 95 -40.21 24.72 18.68
CA GLY A 95 -41.58 24.99 18.32
C GLY A 95 -42.29 23.68 18.42
N TYR A 96 -43.59 23.71 18.67
CA TYR A 96 -44.29 22.46 18.83
C TYR A 96 -45.21 22.16 17.69
N PHE A 97 -45.01 21.00 17.10
CA PHE A 97 -45.90 20.55 16.09
C PHE A 97 -46.45 19.23 16.50
N PRO A 98 -47.76 19.16 16.53
CA PRO A 98 -48.49 17.95 16.94
C PRO A 98 -48.00 16.65 16.34
N GLY A 99 -47.95 16.57 15.03
CA GLY A 99 -47.62 15.29 14.43
C GLY A 99 -46.31 14.66 14.84
N PHE A 100 -45.36 15.42 15.38
CA PHE A 100 -44.13 14.77 15.83
C PHE A 100 -44.32 13.86 17.01
N THR A 101 -45.33 14.13 17.85
CA THR A 101 -45.50 13.29 19.02
C THR A 101 -46.19 12.02 18.55
N LEU A 102 -46.94 12.11 17.45
CA LEU A 102 -47.47 10.88 16.89
C LEU A 102 -46.30 10.02 16.43
N ASN A 103 -45.27 10.68 15.92
CA ASN A 103 -44.10 9.94 15.50
C ASN A 103 -43.58 9.16 16.67
N ALA A 104 -43.48 9.81 17.83
CA ALA A 104 -42.85 9.18 18.96
C ALA A 104 -43.61 7.92 19.29
N PHE A 105 -44.93 8.08 19.27
CA PHE A 105 -45.79 6.98 19.64
C PHE A 105 -45.59 5.80 18.71
N LEU A 106 -45.49 6.08 17.41
CA LEU A 106 -45.41 5.01 16.45
C LEU A 106 -44.13 4.25 16.68
N ALA A 107 -43.07 4.97 17.01
CA ALA A 107 -41.80 4.30 17.21
C ALA A 107 -41.97 3.25 18.29
N GLY A 108 -42.55 3.70 19.42
CA GLY A 108 -42.74 2.85 20.57
C GLY A 108 -43.49 1.62 20.14
N ALA A 109 -44.62 1.85 19.45
CA ALA A 109 -45.49 0.74 19.15
C ALA A 109 -44.74 -0.25 18.31
N ILE A 110 -44.07 0.29 17.28
CA ILE A 110 -43.35 -0.50 16.29
C ILE A 110 -42.28 -1.29 17.00
N TYR A 111 -41.51 -0.61 17.85
CA TYR A 111 -40.39 -1.28 18.49
C TYR A 111 -40.98 -2.42 19.26
N GLY A 112 -41.94 -2.02 20.09
CA GLY A 112 -42.61 -2.92 20.99
C GLY A 112 -43.22 -4.03 20.21
N TYR A 113 -43.91 -3.72 19.13
CA TYR A 113 -44.66 -4.77 18.49
C TYR A 113 -43.74 -5.75 17.80
N PHE A 114 -42.65 -5.25 17.19
CA PHE A 114 -41.74 -6.21 16.55
C PHE A 114 -40.93 -6.92 17.60
N TYR A 115 -40.51 -6.16 18.59
CA TYR A 115 -39.47 -6.60 19.48
C TYR A 115 -39.99 -7.10 20.85
N TYR A 116 -41.17 -6.71 21.30
CA TYR A 116 -41.62 -7.23 22.58
C TYR A 116 -42.52 -8.40 22.34
N LYS A 117 -42.11 -9.58 22.76
CA LYS A 117 -40.74 -9.84 23.08
C LYS A 117 -40.32 -11.14 22.47
N LYS A 118 -40.10 -11.13 21.16
CA LYS A 118 -39.43 -12.21 20.48
C LYS A 118 -37.95 -11.97 20.60
N GLU A 119 -37.15 -12.99 20.37
CA GLU A 119 -35.73 -12.80 20.43
C GLU A 119 -35.33 -11.99 19.21
N MET A 120 -34.30 -11.16 19.34
CA MET A 120 -33.89 -10.32 18.23
C MET A 120 -33.43 -11.24 17.12
N THR A 121 -33.88 -10.95 15.90
CA THR A 121 -33.42 -11.70 14.74
C THR A 121 -33.05 -10.78 13.59
N TRP A 122 -31.86 -10.97 13.05
CA TRP A 122 -31.41 -10.05 12.05
C TRP A 122 -32.59 -9.72 11.19
N GLN A 123 -33.42 -10.70 10.96
CA GLN A 123 -34.50 -10.52 10.03
C GLN A 123 -35.39 -9.42 10.52
N ARG A 124 -35.54 -9.36 11.82
CA ARG A 124 -36.59 -8.56 12.40
C ARG A 124 -36.06 -7.30 13.08
N VAL A 125 -34.79 -7.29 13.47
CA VAL A 125 -34.19 -6.00 13.81
C VAL A 125 -34.32 -5.26 12.48
N ILE A 126 -33.99 -5.98 11.40
CA ILE A 126 -34.05 -5.41 10.05
C ILE A 126 -35.42 -4.92 9.62
N LEU A 127 -36.48 -5.72 9.79
CA LEU A 127 -37.77 -5.24 9.25
C LEU A 127 -38.55 -4.35 10.22
N ALA A 128 -38.17 -4.39 11.49
CA ALA A 128 -38.69 -3.36 12.34
C ALA A 128 -38.08 -2.08 11.81
N THR A 129 -36.75 -2.04 11.83
CA THR A 129 -35.97 -0.87 11.44
C THR A 129 -36.37 -0.36 10.05
N LEU A 130 -36.78 -1.25 9.17
CA LEU A 130 -37.20 -0.77 7.89
C LEU A 130 -38.56 -0.10 8.05
N LEU A 131 -39.46 -0.72 8.81
CA LEU A 131 -40.81 -0.19 8.81
C LEU A 131 -40.77 1.18 9.48
N VAL A 132 -39.86 1.33 10.44
CA VAL A 132 -39.69 2.64 11.03
C VAL A 132 -39.13 3.60 10.00
N THR A 133 -38.01 3.31 9.32
CA THR A 133 -37.46 4.35 8.40
C THR A 133 -38.38 4.72 7.24
N VAL A 134 -38.96 3.74 6.57
CA VAL A 134 -39.80 4.07 5.44
C VAL A 134 -41.05 4.75 5.92
N LEU A 135 -41.72 4.18 6.94
CA LEU A 135 -43.02 4.71 7.38
C LEU A 135 -43.01 5.97 8.26
N ILE A 136 -42.03 6.18 9.14
CA ILE A 136 -42.03 7.49 9.81
C ILE A 136 -41.02 8.49 9.17
N ASN A 137 -39.87 8.04 8.65
CA ASN A 137 -38.89 9.03 8.20
C ASN A 137 -39.01 9.58 6.80
N ILE A 138 -39.61 8.85 5.89
CA ILE A 138 -39.63 9.40 4.56
C ILE A 138 -41.06 9.62 4.17
N ILE A 139 -41.98 8.96 4.86
CA ILE A 139 -43.36 9.23 4.49
C ILE A 139 -43.93 10.39 5.31
N LEU A 140 -43.63 10.42 6.61
CA LEU A 140 -44.35 11.32 7.51
C LEU A 140 -43.63 12.58 7.98
N THR A 141 -42.38 12.46 8.38
CA THR A 141 -41.67 13.64 8.81
C THR A 141 -41.58 14.62 7.63
N PRO A 142 -41.35 14.08 6.41
CA PRO A 142 -41.36 15.12 5.38
C PRO A 142 -42.74 15.70 5.30
N LEU A 143 -43.74 14.91 5.62
CA LEU A 143 -45.09 15.40 5.61
C LEU A 143 -45.33 16.51 6.62
N TRP A 144 -44.85 16.35 7.85
CA TRP A 144 -45.16 17.35 8.87
C TRP A 144 -44.56 18.68 8.50
N LEU A 145 -43.31 18.67 8.09
CA LEU A 145 -42.62 19.91 7.83
C LEU A 145 -43.29 20.55 6.67
N SER A 146 -43.65 19.72 5.73
CA SER A 146 -44.31 20.21 4.55
C SER A 146 -45.59 20.78 5.00
N LEU A 147 -46.24 20.09 5.91
CA LEU A 147 -47.55 20.51 6.32
C LEU A 147 -47.59 21.83 6.99
N MET A 148 -46.66 22.12 7.88
CA MET A 148 -46.66 23.41 8.54
C MET A 148 -45.33 24.13 8.53
N TYR A 149 -44.58 23.95 7.47
CA TYR A 149 -43.46 24.81 7.12
C TYR A 149 -43.85 24.98 5.70
N GLY A 150 -43.45 26.07 5.06
CA GLY A 150 -43.91 26.29 3.70
C GLY A 150 -42.97 25.58 2.77
N VAL A 151 -43.39 24.44 2.24
CA VAL A 151 -42.45 23.71 1.41
C VAL A 151 -42.89 23.45 -0.01
N ASN A 152 -41.95 23.69 -0.90
CA ASN A 152 -42.07 23.26 -2.26
C ASN A 152 -41.59 21.85 -2.15
N LEU A 153 -42.52 20.92 -2.08
CA LEU A 153 -42.19 19.51 -1.96
C LEU A 153 -41.42 19.18 -3.22
N ALA A 154 -41.85 19.82 -4.29
CA ALA A 154 -41.40 19.62 -5.67
C ALA A 154 -39.89 19.62 -5.77
N ASN A 155 -39.24 20.49 -5.02
CA ASN A 155 -37.79 20.44 -4.90
C ASN A 155 -37.46 19.01 -4.46
N PHE A 156 -36.93 18.18 -5.36
CA PHE A 156 -36.47 16.88 -4.91
C PHE A 156 -34.95 16.97 -4.83
N ALA A 157 -34.50 18.19 -4.56
CA ALA A 157 -33.17 18.41 -4.06
C ALA A 157 -33.32 18.88 -2.63
N TRP A 158 -34.57 18.81 -2.17
CA TRP A 158 -34.98 18.96 -0.77
C TRP A 158 -34.70 17.67 -0.03
N TRP A 159 -34.84 16.60 -0.79
CA TRP A 159 -34.80 15.24 -0.29
C TRP A 159 -33.41 14.68 -0.22
N VAL A 160 -32.43 15.39 -0.78
CA VAL A 160 -31.12 14.78 -0.90
C VAL A 160 -30.37 14.61 0.46
N PRO A 161 -30.38 15.63 1.33
CA PRO A 161 -29.75 15.31 2.64
C PRO A 161 -30.52 14.20 3.35
N ARG A 162 -31.85 14.29 3.28
CA ARG A 162 -32.77 13.35 3.90
C ARG A 162 -32.53 11.89 3.44
N LEU A 163 -32.26 11.72 2.14
CA LEU A 163 -32.01 10.41 1.54
C LEU A 163 -30.57 9.93 1.72
N ILE A 164 -29.64 10.87 1.78
CA ILE A 164 -28.28 10.48 2.11
C ILE A 164 -28.32 9.87 3.48
N LYS A 165 -29.02 10.54 4.39
CA LYS A 165 -29.14 10.15 5.80
C LYS A 165 -29.97 8.87 5.98
N THR A 166 -31.18 8.90 5.42
CA THR A 166 -32.09 7.76 5.39
C THR A 166 -31.37 6.50 4.96
N VAL A 167 -30.44 6.64 4.03
CA VAL A 167 -29.75 5.44 3.59
C VAL A 167 -28.41 5.12 4.32
N ILE A 168 -27.71 6.13 4.83
CA ILE A 168 -26.51 5.91 5.62
C ILE A 168 -26.77 5.25 6.96
N PHE A 169 -27.86 5.60 7.65
CA PHE A 169 -27.92 5.30 9.10
C PHE A 169 -28.67 4.02 9.47
N PHE A 170 -29.53 3.60 8.55
CA PHE A 170 -30.15 2.31 8.59
C PHE A 170 -29.14 1.25 8.94
N PRO A 171 -27.94 1.27 8.22
CA PRO A 171 -26.95 0.29 8.69
C PRO A 171 -26.55 0.56 10.11
N ILE A 172 -26.33 1.81 10.49
CA ILE A 172 -25.87 2.06 11.84
C ILE A 172 -26.94 1.59 12.74
N GLN A 173 -28.18 1.91 12.37
CA GLN A 173 -29.26 1.63 13.28
C GLN A 173 -29.34 0.15 13.47
N VAL A 174 -29.25 -0.61 12.40
CA VAL A 174 -29.41 -2.03 12.51
C VAL A 174 -28.31 -2.63 13.33
N ILE A 175 -27.08 -2.21 13.11
CA ILE A 175 -25.98 -2.80 13.85
C ILE A 175 -26.22 -2.50 15.32
N ALA A 176 -26.54 -1.26 15.62
CA ALA A 176 -26.64 -0.89 17.01
C ALA A 176 -27.77 -1.62 17.69
N THR A 177 -28.90 -1.72 17.01
CA THR A 177 -30.06 -2.32 17.61
C THR A 177 -29.79 -3.77 17.84
N TYR A 178 -29.14 -4.43 16.90
CA TYR A 178 -28.90 -5.84 17.04
C TYR A 178 -28.07 -6.01 18.26
N TYR A 179 -27.03 -5.21 18.37
CA TYR A 179 -26.11 -5.35 19.46
C TYR A 179 -26.79 -5.12 20.76
N LEU A 180 -27.58 -4.07 20.83
CA LEU A 180 -28.25 -3.74 22.06
C LEU A 180 -29.14 -4.87 22.37
N GLY A 181 -29.78 -5.37 21.34
CA GLY A 181 -30.79 -6.38 21.52
C GLY A 181 -30.12 -7.55 22.19
N ASN A 182 -28.88 -7.80 21.81
CA ASN A 182 -28.16 -8.98 22.27
C ASN A 182 -26.85 -8.51 22.82
N LYS A 183 -26.98 -7.82 23.95
CA LYS A 183 -25.88 -7.24 24.72
C LYS A 183 -24.56 -7.92 24.51
N LEU A 189 -35.20 -11.86 31.21
CA LEU A 189 -35.85 -11.00 32.18
C LEU A 189 -35.57 -9.57 31.81
N PHE A 190 -36.61 -8.77 31.65
CA PHE A 190 -36.44 -7.36 31.34
C PHE A 190 -36.66 -6.42 32.50
N GLY A 191 -37.76 -6.62 33.23
CA GLY A 191 -38.16 -5.70 34.28
C GLY A 191 -39.65 -5.87 34.52
N LYS A 192 -40.28 -4.89 35.16
CA LYS A 192 -41.72 -4.94 35.27
C LYS A 192 -42.82 -4.44 34.36
N PRO A 193 -42.80 -4.89 33.11
CA PRO A 193 -43.43 -4.26 31.95
C PRO A 193 -44.80 -4.82 31.58
N LEU A 194 -45.79 -3.95 31.37
CA LEU A 194 -47.09 -4.39 30.87
C LEU A 194 -48.22 -3.74 31.65
N PHE B 26 -4.01 -1.32 -28.88
CA PHE B 26 -2.95 -1.09 -27.91
C PHE B 26 -3.28 -1.89 -26.72
N GLY B 27 -4.43 -2.51 -26.87
CA GLY B 27 -4.83 -3.55 -25.98
C GLY B 27 -4.80 -4.76 -26.90
N THR B 28 -4.09 -5.78 -26.45
CA THR B 28 -4.01 -7.03 -27.19
C THR B 28 -4.84 -8.08 -26.46
N LYS B 29 -4.74 -8.04 -25.13
CA LYS B 29 -5.50 -8.93 -24.26
C LYS B 29 -6.54 -8.14 -23.46
N SER B 30 -6.41 -6.82 -23.37
CA SER B 30 -7.37 -6.10 -22.61
C SER B 30 -8.66 -6.34 -23.35
N ILE B 31 -8.61 -6.37 -24.68
CA ILE B 31 -9.83 -6.59 -25.41
C ILE B 31 -10.42 -7.94 -25.08
N ALA B 32 -9.64 -9.01 -25.04
CA ALA B 32 -10.22 -10.35 -24.90
C ALA B 32 -10.86 -10.58 -23.57
N LEU B 33 -10.11 -10.18 -22.57
CA LEU B 33 -10.56 -10.30 -21.21
C LEU B 33 -11.74 -9.39 -20.99
N MET B 34 -11.70 -8.23 -21.60
CA MET B 34 -12.79 -7.31 -21.47
C MET B 34 -14.01 -7.86 -22.11
N GLY B 35 -13.85 -8.56 -23.20
CA GLY B 35 -14.97 -9.17 -23.87
C GLY B 35 -15.55 -10.12 -22.90
N VAL B 36 -14.70 -10.86 -22.23
CA VAL B 36 -15.19 -11.82 -21.24
C VAL B 36 -15.97 -11.15 -20.10
N LEU B 37 -15.46 -10.04 -19.60
CA LEU B 37 -16.13 -9.31 -18.54
C LEU B 37 -17.43 -8.68 -18.97
N ILE B 38 -17.46 -8.19 -20.20
CA ILE B 38 -18.65 -7.60 -20.72
C ILE B 38 -19.66 -8.71 -20.76
N ALA B 39 -19.23 -9.88 -21.12
CA ALA B 39 -20.13 -11.02 -21.17
C ALA B 39 -20.67 -11.34 -19.81
N VAL B 40 -19.82 -11.26 -18.79
CA VAL B 40 -20.27 -11.54 -17.45
C VAL B 40 -21.34 -10.54 -17.15
N VAL B 41 -21.11 -9.30 -17.52
CA VAL B 41 -22.07 -8.27 -17.22
C VAL B 41 -23.37 -8.55 -17.90
N VAL B 42 -23.33 -8.94 -19.17
CA VAL B 42 -24.57 -9.14 -19.87
C VAL B 42 -25.33 -10.25 -19.18
N VAL B 43 -24.65 -11.33 -18.81
CA VAL B 43 -25.38 -12.43 -18.18
C VAL B 43 -25.99 -11.98 -16.88
N PHE B 44 -25.21 -11.28 -16.07
CA PHE B 44 -25.66 -10.94 -14.75
C PHE B 44 -26.87 -10.09 -14.90
N SER B 45 -26.82 -9.21 -15.88
CA SER B 45 -27.89 -8.30 -16.18
C SER B 45 -29.18 -8.88 -16.69
N ARG B 46 -29.07 -9.78 -17.68
CA ARG B 46 -30.24 -10.31 -18.37
C ARG B 46 -30.70 -11.67 -17.84
N PHE B 47 -29.75 -12.57 -17.63
CA PHE B 47 -30.08 -13.89 -17.06
C PHE B 47 -30.34 -14.04 -15.55
N PHE B 48 -29.67 -13.29 -14.69
CA PHE B 48 -29.59 -13.71 -13.29
C PHE B 48 -30.27 -12.85 -12.28
N ALA B 49 -30.82 -11.70 -12.69
CA ALA B 49 -31.36 -10.76 -11.70
C ALA B 49 -32.83 -10.36 -11.82
N TYR B 50 -33.39 -9.91 -10.70
CA TYR B 50 -34.81 -9.57 -10.51
C TYR B 50 -35.29 -8.45 -11.42
N GLU B 51 -36.46 -8.61 -12.05
CA GLU B 51 -37.10 -7.44 -12.62
C GLU B 51 -38.59 -7.45 -12.89
N THR B 52 -39.11 -6.25 -12.72
CA THR B 52 -40.41 -5.71 -13.06
C THR B 52 -40.33 -4.26 -13.54
N THR B 53 -41.37 -3.81 -14.25
CA THR B 53 -41.44 -2.46 -14.80
C THR B 53 -41.22 -1.48 -13.65
N PHE B 54 -40.35 -0.49 -13.87
CA PHE B 54 -40.08 0.62 -12.94
C PHE B 54 -39.13 0.27 -11.78
N LEU B 55 -38.67 -0.98 -11.68
CA LEU B 55 -37.71 -1.28 -10.62
C LEU B 55 -36.75 -2.42 -10.89
N LYS B 56 -35.48 -2.26 -10.49
CA LYS B 56 -34.62 -3.42 -10.40
C LYS B 56 -33.31 -3.44 -9.58
N ILE B 57 -33.06 -4.67 -9.18
CA ILE B 57 -31.91 -5.13 -8.47
C ILE B 57 -30.95 -5.74 -9.47
N SER B 58 -29.92 -5.00 -9.92
CA SER B 58 -28.98 -5.75 -10.74
C SER B 58 -27.95 -6.33 -9.81
N PHE B 59 -27.42 -7.51 -10.12
CA PHE B 59 -26.20 -7.87 -9.41
C PHE B 59 -25.05 -7.77 -10.39
N THR B 60 -25.03 -6.64 -11.09
CA THR B 60 -24.00 -6.40 -12.08
C THR B 60 -22.99 -5.46 -11.47
N PHE B 61 -23.24 -5.06 -10.23
CA PHE B 61 -22.27 -4.22 -9.57
C PHE B 61 -21.02 -5.03 -9.29
N ILE B 62 -21.12 -6.36 -9.14
CA ILE B 62 -19.91 -7.15 -8.84
C ILE B 62 -18.95 -7.13 -10.06
N PRO B 63 -19.42 -7.59 -11.24
CA PRO B 63 -18.55 -7.45 -12.39
C PRO B 63 -18.27 -5.99 -12.79
N GLU B 64 -19.20 -5.06 -12.61
CA GLU B 64 -18.91 -3.69 -13.02
C GLU B 64 -17.94 -3.04 -12.06
N SER B 65 -17.84 -3.57 -10.86
CA SER B 65 -16.87 -3.04 -9.92
C SER B 65 -15.54 -3.70 -10.14
N LEU B 66 -15.52 -4.91 -10.69
CA LEU B 66 -14.24 -5.48 -11.04
C LEU B 66 -13.61 -4.58 -12.06
N ILE B 67 -14.39 -4.16 -13.02
CA ILE B 67 -13.89 -3.26 -14.04
C ILE B 67 -13.51 -1.91 -13.51
N GLY B 68 -14.03 -1.49 -12.38
CA GLY B 68 -13.51 -0.28 -11.82
C GLY B 68 -12.10 -0.55 -11.39
N MET B 69 -11.93 -1.70 -10.77
CA MET B 69 -10.67 -2.17 -10.20
C MET B 69 -9.63 -2.49 -11.27
N ILE B 70 -10.03 -3.22 -12.29
CA ILE B 70 -9.12 -3.46 -13.40
C ILE B 70 -8.77 -2.30 -14.38
N PHE B 71 -9.75 -1.56 -14.85
CA PHE B 71 -9.50 -0.67 -16.00
C PHE B 71 -9.38 0.82 -15.76
N GLY B 72 -9.40 1.27 -14.52
CA GLY B 72 -9.29 2.68 -14.26
C GLY B 72 -10.64 3.21 -14.66
N PRO B 73 -10.85 4.58 -14.46
CA PRO B 73 -12.23 4.98 -14.72
C PRO B 73 -12.69 4.99 -16.16
N PHE B 74 -11.94 5.58 -17.06
CA PHE B 74 -12.52 5.90 -18.36
C PHE B 74 -12.95 4.70 -19.19
N TRP B 75 -12.12 3.69 -19.26
CA TRP B 75 -12.46 2.52 -20.03
C TRP B 75 -13.53 1.70 -19.37
N ALA B 76 -13.50 1.65 -18.05
CA ALA B 76 -14.56 0.92 -17.34
C ALA B 76 -15.91 1.52 -17.66
N GLY B 77 -15.95 2.86 -17.72
CA GLY B 77 -17.12 3.61 -18.16
C GLY B 77 -17.60 3.19 -19.54
N ILE B 78 -16.70 3.27 -20.53
CA ILE B 78 -17.03 2.81 -21.88
C ILE B 78 -17.25 1.31 -21.87
N GLY B 79 -16.49 0.63 -21.03
CA GLY B 79 -16.61 -0.80 -20.96
C GLY B 79 -18.02 -1.26 -20.70
N THR B 80 -18.60 -0.73 -19.62
CA THR B 80 -19.96 -1.12 -19.22
C THR B 80 -21.01 -0.42 -20.07
N ALA B 81 -20.68 0.74 -20.64
CA ALA B 81 -21.60 1.36 -21.61
C ALA B 81 -21.82 0.41 -22.80
N VAL B 82 -20.75 -0.09 -23.39
CA VAL B 82 -20.96 -1.06 -24.45
C VAL B 82 -21.54 -2.36 -23.88
N ALA B 83 -21.27 -2.70 -22.61
CA ALA B 83 -21.85 -3.93 -22.00
C ALA B 83 -23.37 -3.84 -21.96
N ASP B 84 -23.83 -2.62 -21.74
CA ASP B 84 -25.24 -2.31 -21.84
C ASP B 84 -25.69 -2.45 -23.26
N VAL B 85 -24.96 -1.86 -24.21
CA VAL B 85 -25.51 -1.79 -25.56
C VAL B 85 -25.51 -3.16 -26.28
N VAL B 86 -24.55 -4.06 -26.00
CA VAL B 86 -24.65 -5.43 -26.57
C VAL B 86 -25.71 -6.15 -25.80
N GLY B 87 -25.85 -5.74 -24.52
CA GLY B 87 -26.93 -6.15 -23.64
C GLY B 87 -28.24 -5.99 -24.37
N MET B 88 -28.45 -4.82 -24.96
CA MET B 88 -29.64 -4.61 -25.78
C MET B 88 -29.63 -4.91 -27.26
N LEU B 89 -28.46 -5.09 -27.87
CA LEU B 89 -28.48 -5.58 -29.24
C LEU B 89 -29.18 -6.94 -29.16
N LEU B 90 -28.71 -7.75 -28.21
CA LEU B 90 -29.33 -9.03 -27.87
C LEU B 90 -30.46 -8.61 -26.95
N PHE B 91 -31.39 -9.49 -26.57
CA PHE B 91 -32.41 -9.11 -25.57
C PHE B 91 -33.13 -7.77 -25.87
N PRO B 92 -33.79 -7.75 -27.02
CA PRO B 92 -34.50 -6.59 -27.58
C PRO B 92 -35.72 -6.06 -26.84
N LYS B 93 -36.60 -6.91 -26.34
CA LYS B 93 -37.83 -6.40 -25.77
C LYS B 93 -37.51 -5.57 -24.58
N ALA B 94 -38.36 -4.71 -24.17
CA ALA B 94 -38.07 -3.55 -23.35
C ALA B 94 -37.38 -2.36 -24.01
N GLY B 95 -37.17 -2.45 -25.33
CA GLY B 95 -36.72 -1.28 -26.08
C GLY B 95 -35.32 -0.85 -25.74
N TYR B 96 -34.86 0.26 -26.32
CA TYR B 96 -33.59 0.85 -25.95
C TYR B 96 -33.83 2.26 -25.51
N PHE B 97 -33.16 2.67 -24.45
CA PHE B 97 -33.30 4.05 -24.06
C PHE B 97 -31.92 4.54 -23.64
N PRO B 98 -31.47 5.64 -24.28
CA PRO B 98 -30.11 6.20 -24.13
C PRO B 98 -29.70 6.47 -22.68
N GLY B 99 -30.49 7.27 -21.96
CA GLY B 99 -30.10 7.65 -20.62
C GLY B 99 -29.84 6.49 -19.70
N PHE B 100 -30.31 5.29 -20.06
CA PHE B 100 -29.94 4.12 -19.27
C PHE B 100 -28.48 3.79 -19.49
N THR B 101 -27.97 4.05 -20.70
CA THR B 101 -26.59 3.69 -20.99
C THR B 101 -25.75 4.84 -20.46
N LEU B 102 -26.37 6.01 -20.31
CA LEU B 102 -25.75 7.10 -19.55
C LEU B 102 -25.58 6.69 -18.09
N ASN B 103 -26.54 5.97 -17.57
CA ASN B 103 -26.32 5.39 -16.27
C ASN B 103 -25.12 4.46 -16.34
N ALA B 104 -25.08 3.58 -17.35
CA ALA B 104 -24.07 2.51 -17.43
C ALA B 104 -22.64 3.06 -17.46
N PHE B 105 -22.43 4.09 -18.28
CA PHE B 105 -21.13 4.73 -18.29
C PHE B 105 -20.83 5.34 -16.92
N LEU B 106 -21.83 5.97 -16.27
CA LEU B 106 -21.48 6.58 -14.97
C LEU B 106 -21.11 5.53 -13.95
N ALA B 107 -21.81 4.41 -13.94
CA ALA B 107 -21.51 3.37 -12.96
C ALA B 107 -20.06 2.95 -13.17
N GLY B 108 -19.73 2.65 -14.43
CA GLY B 108 -18.41 2.15 -14.71
C GLY B 108 -17.38 3.12 -14.16
N ALA B 109 -17.55 4.39 -14.53
CA ALA B 109 -16.58 5.45 -14.21
C ALA B 109 -16.44 5.64 -12.68
N ILE B 110 -17.56 5.60 -11.93
CA ILE B 110 -17.49 5.74 -10.46
C ILE B 110 -16.67 4.61 -9.84
N TYR B 111 -17.01 3.35 -10.18
CA TYR B 111 -16.32 2.22 -9.55
C TYR B 111 -14.85 2.35 -9.93
N GLY B 112 -14.62 2.79 -11.17
CA GLY B 112 -13.29 2.98 -11.70
C GLY B 112 -12.51 3.96 -10.87
N TYR B 113 -13.12 5.10 -10.52
CA TYR B 113 -12.42 6.17 -9.81
C TYR B 113 -12.15 5.81 -8.36
N PHE B 114 -13.08 5.11 -7.72
CA PHE B 114 -12.80 4.75 -6.35
C PHE B 114 -11.90 3.51 -6.18
N TYR B 115 -12.01 2.52 -7.05
CA TYR B 115 -11.40 1.23 -6.72
C TYR B 115 -10.08 0.95 -7.45
N TYR B 116 -9.80 1.72 -8.49
CA TYR B 116 -8.59 1.49 -9.25
C TYR B 116 -7.43 2.21 -8.63
N LYS B 117 -6.45 1.45 -8.18
CA LYS B 117 -5.17 2.00 -7.76
C LYS B 117 -5.18 2.53 -6.36
N LYS B 118 -6.31 2.41 -5.69
CA LYS B 118 -6.39 2.83 -4.30
C LYS B 118 -7.06 1.71 -3.52
N GLU B 119 -6.65 1.51 -2.27
CA GLU B 119 -7.19 0.40 -1.50
C GLU B 119 -8.68 0.51 -1.23
N MET B 120 -9.40 -0.59 -1.31
CA MET B 120 -10.80 -0.56 -1.01
C MET B 120 -10.93 -0.86 0.46
N THR B 121 -11.42 0.15 1.17
CA THR B 121 -11.74 0.17 2.59
C THR B 121 -13.23 0.50 2.77
N TRP B 122 -13.75 0.29 3.97
CA TRP B 122 -15.15 0.63 4.24
C TRP B 122 -15.43 2.08 3.85
N GLN B 123 -14.50 2.95 4.23
CA GLN B 123 -14.68 4.39 4.16
C GLN B 123 -14.92 4.86 2.73
N ARG B 124 -14.62 4.00 1.77
CA ARG B 124 -14.73 4.38 0.37
C ARG B 124 -15.63 3.50 -0.52
N VAL B 125 -15.78 2.23 -0.15
CA VAL B 125 -16.81 1.43 -0.79
C VAL B 125 -18.12 2.15 -0.52
N ILE B 126 -18.27 2.60 0.73
CA ILE B 126 -19.50 3.32 1.09
C ILE B 126 -19.67 4.57 0.22
N LEU B 127 -18.63 5.37 -0.02
CA LEU B 127 -18.90 6.63 -0.72
C LEU B 127 -19.08 6.45 -2.23
N ALA B 128 -18.52 5.37 -2.78
CA ALA B 128 -18.83 5.03 -4.16
C ALA B 128 -20.27 4.54 -4.24
N THR B 129 -20.57 3.46 -3.52
CA THR B 129 -21.89 2.86 -3.57
C THR B 129 -22.94 3.94 -3.27
N LEU B 130 -22.54 4.93 -2.47
CA LEU B 130 -23.46 6.01 -2.13
C LEU B 130 -23.65 6.95 -3.32
N LEU B 131 -22.57 7.29 -4.01
CA LEU B 131 -22.77 8.21 -5.14
C LEU B 131 -23.46 7.53 -6.33
N VAL B 132 -23.22 6.24 -6.52
CA VAL B 132 -23.92 5.52 -7.56
C VAL B 132 -25.39 5.51 -7.20
N THR B 133 -25.67 5.15 -5.94
CA THR B 133 -27.03 5.02 -5.51
C THR B 133 -27.81 6.32 -5.58
N VAL B 134 -27.27 7.40 -5.02
CA VAL B 134 -28.04 8.64 -5.02
C VAL B 134 -28.08 9.25 -6.41
N LEU B 135 -26.93 9.36 -7.03
CA LEU B 135 -26.90 10.09 -8.28
C LEU B 135 -27.51 9.29 -9.44
N ILE B 136 -27.36 7.97 -9.42
CA ILE B 136 -27.92 7.15 -10.51
C ILE B 136 -29.28 6.50 -10.22
N ASN B 137 -29.41 5.89 -9.05
CA ASN B 137 -30.58 5.08 -8.80
C ASN B 137 -31.72 5.91 -8.33
N ILE B 138 -31.41 7.09 -7.82
CA ILE B 138 -32.46 7.94 -7.35
C ILE B 138 -32.56 9.27 -8.06
N ILE B 139 -31.44 9.83 -8.48
CA ILE B 139 -31.54 11.11 -9.14
C ILE B 139 -31.88 10.89 -10.61
N LEU B 140 -31.26 9.86 -11.18
CA LEU B 140 -31.31 9.70 -12.62
C LEU B 140 -32.22 8.62 -13.18
N THR B 141 -32.17 7.41 -12.64
CA THR B 141 -32.98 6.36 -13.24
C THR B 141 -34.49 6.62 -13.20
N PRO B 142 -35.00 7.11 -12.06
CA PRO B 142 -36.43 7.36 -12.12
C PRO B 142 -36.74 8.48 -13.11
N LEU B 143 -35.77 9.36 -13.31
CA LEU B 143 -35.94 10.44 -14.26
C LEU B 143 -36.01 9.93 -15.73
N TRP B 144 -35.52 8.71 -16.03
CA TRP B 144 -35.69 8.16 -17.40
C TRP B 144 -37.01 7.43 -17.44
N LEU B 145 -37.47 7.01 -16.26
CA LEU B 145 -38.69 6.21 -16.22
C LEU B 145 -39.81 7.18 -16.36
N SER B 146 -39.49 8.43 -16.05
CA SER B 146 -40.39 9.55 -16.23
C SER B 146 -40.69 9.80 -17.70
N LEU B 147 -39.64 9.79 -18.51
CA LEU B 147 -39.81 10.10 -19.90
C LEU B 147 -40.40 8.94 -20.71
N MET B 148 -39.96 7.71 -20.44
CA MET B 148 -40.43 6.61 -21.29
C MET B 148 -41.86 6.13 -20.99
N TYR B 149 -42.13 5.73 -19.75
CA TYR B 149 -43.45 5.26 -19.42
C TYR B 149 -44.45 6.36 -19.06
N GLY B 150 -43.96 7.59 -18.94
CA GLY B 150 -44.83 8.75 -18.81
C GLY B 150 -45.36 9.16 -17.46
N VAL B 151 -44.97 8.50 -16.39
CA VAL B 151 -45.36 8.92 -15.05
C VAL B 151 -44.40 9.93 -14.42
N ASN B 152 -44.44 11.19 -14.84
CA ASN B 152 -43.50 12.20 -14.32
C ASN B 152 -43.64 12.46 -12.81
N LEU B 153 -44.87 12.55 -12.34
CA LEU B 153 -45.18 13.02 -11.02
C LEU B 153 -44.63 12.13 -9.92
N ALA B 154 -44.32 12.73 -8.77
CA ALA B 154 -43.98 11.98 -7.57
C ALA B 154 -45.20 11.53 -6.77
N ASN B 155 -45.21 10.26 -6.35
CA ASN B 155 -46.29 9.74 -5.54
C ASN B 155 -45.88 9.04 -4.29
N PHE B 156 -46.34 9.54 -3.16
CA PHE B 156 -46.20 8.82 -1.94
C PHE B 156 -47.39 7.91 -2.12
N ALA B 157 -47.18 6.64 -2.43
CA ALA B 157 -45.87 6.05 -2.49
C ALA B 157 -45.72 5.37 -3.82
N TRP B 158 -45.59 6.18 -4.86
CA TRP B 158 -45.14 5.64 -6.13
C TRP B 158 -43.70 5.20 -6.04
N TRP B 159 -42.94 6.04 -5.38
CA TRP B 159 -41.53 5.84 -5.25
C TRP B 159 -41.28 4.62 -4.46
N VAL B 160 -42.11 4.39 -3.46
CA VAL B 160 -41.65 3.72 -2.28
C VAL B 160 -41.06 2.35 -2.57
N PRO B 161 -41.69 1.51 -3.36
CA PRO B 161 -40.99 0.22 -3.52
C PRO B 161 -39.50 0.45 -3.83
N ARG B 162 -39.24 1.50 -4.62
CA ARG B 162 -37.91 1.89 -4.98
C ARG B 162 -37.06 2.16 -3.74
N LEU B 163 -37.61 2.95 -2.83
CA LEU B 163 -36.87 3.50 -1.71
C LEU B 163 -36.63 2.41 -0.70
N ILE B 164 -37.59 1.48 -0.66
CA ILE B 164 -37.47 0.26 0.10
C ILE B 164 -36.32 -0.56 -0.42
N LYS B 165 -36.17 -0.59 -1.75
CA LYS B 165 -35.15 -1.41 -2.40
C LYS B 165 -33.78 -0.77 -2.20
N THR B 166 -33.72 0.55 -2.27
CA THR B 166 -32.45 1.21 -2.11
C THR B 166 -31.97 1.14 -0.66
N VAL B 167 -32.89 1.25 0.28
CA VAL B 167 -32.47 1.24 1.68
C VAL B 167 -32.27 -0.15 2.26
N ILE B 168 -33.00 -1.15 1.78
CA ILE B 168 -32.67 -2.50 2.19
C ILE B 168 -31.38 -2.98 1.50
N PHE B 169 -31.10 -2.59 0.25
CA PHE B 169 -30.04 -3.31 -0.46
C PHE B 169 -28.66 -2.64 -0.44
N PHE B 170 -28.57 -1.31 -0.29
CA PHE B 170 -27.24 -0.63 -0.18
C PHE B 170 -26.16 -1.28 0.77
N PRO B 171 -26.58 -1.83 1.93
CA PRO B 171 -25.57 -2.58 2.67
C PRO B 171 -25.06 -3.83 1.93
N ILE B 172 -25.93 -4.47 1.16
CA ILE B 172 -25.52 -5.67 0.42
C ILE B 172 -24.39 -5.36 -0.58
N GLN B 173 -24.45 -4.17 -1.17
CA GLN B 173 -23.40 -3.78 -2.05
C GLN B 173 -22.13 -3.29 -1.35
N VAL B 174 -22.26 -2.68 -0.17
CA VAL B 174 -21.04 -2.27 0.53
C VAL B 174 -20.38 -3.52 1.16
N ILE B 175 -21.16 -4.56 1.34
CA ILE B 175 -20.60 -5.79 1.90
C ILE B 175 -20.20 -6.77 0.82
N ALA B 176 -20.68 -6.56 -0.39
CA ALA B 176 -20.25 -7.46 -1.45
C ALA B 176 -19.06 -6.88 -2.23
N THR B 177 -19.08 -5.61 -2.63
CA THR B 177 -17.91 -5.10 -3.33
C THR B 177 -16.69 -4.88 -2.44
N TYR B 178 -16.89 -4.69 -1.14
CA TYR B 178 -15.78 -4.67 -0.18
C TYR B 178 -15.10 -6.04 -0.19
N TYR B 179 -15.89 -7.10 -0.22
CA TYR B 179 -15.32 -8.45 -0.19
C TYR B 179 -14.79 -8.87 -1.55
N LEU B 180 -15.32 -8.25 -2.59
CA LEU B 180 -14.78 -8.36 -3.93
C LEU B 180 -13.39 -7.79 -3.83
N GLY B 181 -13.24 -6.81 -2.96
CA GLY B 181 -11.99 -6.11 -2.81
C GLY B 181 -11.08 -6.73 -1.80
N ASN B 182 -11.60 -7.66 -1.02
CA ASN B 182 -10.77 -8.46 -0.14
C ASN B 182 -11.29 -9.87 -0.18
N LYS B 183 -10.53 -10.73 -0.84
CA LYS B 183 -10.97 -11.92 -1.56
C LYS B 183 -11.01 -13.28 -0.88
N ILE B 184 -11.39 -14.28 -1.67
CA ILE B 184 -11.50 -15.70 -1.29
C ILE B 184 -10.79 -16.58 -2.31
N PRO B 185 -10.31 -17.84 -1.87
CA PRO B 185 -9.57 -18.58 -2.92
C PRO B 185 -10.50 -19.12 -4.00
N LEU B 189 -5.02 -11.51 -7.98
CA LEU B 189 -4.46 -11.53 -6.64
C LEU B 189 -3.40 -12.59 -6.66
N PHE B 190 -3.79 -13.80 -7.03
CA PHE B 190 -2.89 -14.93 -7.03
C PHE B 190 -1.77 -14.72 -8.00
N GLY B 191 -2.06 -14.17 -9.18
CA GLY B 191 -1.02 -13.93 -10.15
C GLY B 191 -0.52 -12.50 -10.10
N LYS B 192 -1.26 -11.55 -10.66
CA LYS B 192 -0.77 -10.18 -10.71
C LYS B 192 -1.75 -9.05 -10.64
N PRO B 193 -1.39 -8.03 -9.76
CA PRO B 193 -2.48 -7.12 -9.44
C PRO B 193 -2.58 -5.90 -10.32
N LEU B 194 -3.79 -5.41 -10.59
CA LEU B 194 -4.04 -4.05 -11.02
C LEU B 194 -3.35 -3.73 -12.34
N SER B 195 -2.81 -4.76 -12.94
CA SER B 195 -2.50 -4.79 -14.33
C SER B 195 -2.89 -6.18 -14.77
N GLU B 196 -3.62 -6.31 -15.88
CA GLU B 196 -4.05 -7.61 -16.38
C GLU B 196 -5.11 -7.44 -17.43
N GLY C 27 34.88 -35.12 -22.99
CA GLY C 27 34.27 -36.45 -22.89
C GLY C 27 33.11 -36.58 -23.85
N THR C 28 32.96 -37.76 -24.46
CA THR C 28 32.17 -37.87 -25.69
C THR C 28 30.69 -38.14 -25.43
N LYS C 29 30.35 -39.20 -24.68
CA LYS C 29 28.96 -39.48 -24.37
C LYS C 29 28.73 -39.35 -22.87
N SER C 30 29.57 -38.55 -22.24
CA SER C 30 29.24 -37.99 -20.95
C SER C 30 28.03 -37.13 -21.25
N ILE C 31 28.05 -36.50 -22.42
CA ILE C 31 26.97 -35.64 -22.86
C ILE C 31 25.68 -36.43 -23.12
N ALA C 32 25.80 -37.74 -23.33
CA ALA C 32 24.63 -38.58 -23.54
C ALA C 32 23.85 -38.71 -22.22
N LEU C 33 24.55 -39.23 -21.21
CA LEU C 33 23.92 -39.41 -19.93
C LEU C 33 23.64 -38.05 -19.28
N MET C 34 24.54 -37.06 -19.38
CA MET C 34 24.16 -35.71 -18.90
C MET C 34 22.94 -35.17 -19.68
N GLY C 35 22.81 -35.60 -20.91
CA GLY C 35 21.72 -35.14 -21.75
C GLY C 35 20.42 -35.63 -21.17
N VAL C 36 20.37 -36.94 -20.93
CA VAL C 36 19.12 -37.53 -20.43
C VAL C 36 18.82 -37.18 -18.97
N LEU C 37 19.83 -36.98 -18.12
CA LEU C 37 19.57 -36.53 -16.75
C LEU C 37 19.03 -35.12 -16.75
N ILE C 38 19.55 -34.27 -17.62
CA ILE C 38 18.96 -32.95 -17.81
C ILE C 38 17.53 -33.09 -18.34
N ALA C 39 17.26 -34.18 -19.05
CA ALA C 39 15.88 -34.47 -19.50
C ALA C 39 14.94 -34.97 -18.35
N VAL C 40 15.48 -35.80 -17.47
CA VAL C 40 14.81 -36.30 -16.28
C VAL C 40 14.45 -35.14 -15.37
N VAL C 41 15.44 -34.31 -15.03
CA VAL C 41 15.15 -33.13 -14.26
C VAL C 41 14.17 -32.18 -14.97
N VAL C 42 14.20 -32.05 -16.29
CA VAL C 42 13.19 -31.16 -16.89
C VAL C 42 11.75 -31.71 -16.77
N VAL C 43 11.54 -33.04 -16.89
CA VAL C 43 10.17 -33.54 -16.67
C VAL C 43 9.81 -33.36 -15.21
N PHE C 44 10.68 -33.78 -14.33
CA PHE C 44 10.36 -33.85 -12.93
C PHE C 44 10.01 -32.46 -12.57
N SER C 45 10.76 -31.51 -13.07
CA SER C 45 10.49 -30.13 -12.78
C SER C 45 9.23 -29.64 -13.38
N ARG C 46 8.93 -30.12 -14.58
CA ARG C 46 7.91 -29.49 -15.37
C ARG C 46 6.59 -30.19 -15.49
N PHE C 47 6.59 -31.50 -15.34
CA PHE C 47 5.35 -32.27 -15.37
C PHE C 47 4.91 -32.80 -14.00
N PHE C 48 5.82 -32.89 -13.04
CA PHE C 48 5.46 -33.31 -11.70
C PHE C 48 5.80 -32.19 -10.76
N ALA C 49 4.77 -31.48 -10.32
CA ALA C 49 5.01 -30.23 -9.65
C ALA C 49 3.86 -29.91 -8.75
N TYR C 50 4.09 -29.06 -7.77
CA TYR C 50 2.97 -28.53 -7.02
C TYR C 50 2.01 -27.63 -7.79
N GLU C 51 2.54 -26.75 -8.62
CA GLU C 51 1.72 -25.83 -9.41
C GLU C 51 1.15 -24.66 -8.61
N THR C 52 1.96 -24.05 -7.74
CA THR C 52 1.49 -22.86 -7.04
C THR C 52 2.45 -21.70 -7.10
N THR C 53 1.94 -20.48 -7.06
CA THR C 53 2.75 -19.32 -6.86
C THR C 53 3.18 -19.28 -5.42
N PHE C 54 4.38 -18.81 -5.19
CA PHE C 54 4.87 -18.54 -3.85
C PHE C 54 5.18 -19.83 -3.16
N LEU C 55 5.06 -20.94 -3.88
CA LEU C 55 5.44 -22.23 -3.39
C LEU C 55 5.36 -23.26 -4.50
N LYS C 56 6.36 -24.13 -4.60
CA LYS C 56 6.36 -25.23 -5.57
C LYS C 56 6.79 -26.50 -4.88
N ILE C 57 6.21 -27.64 -5.24
CA ILE C 57 6.69 -28.89 -4.69
C ILE C 57 6.98 -29.88 -5.79
N SER C 58 8.11 -30.57 -5.69
CA SER C 58 8.44 -31.58 -6.69
C SER C 58 9.52 -32.51 -6.19
N PHE C 59 10.01 -33.37 -7.07
CA PHE C 59 11.07 -34.30 -6.71
C PHE C 59 12.28 -34.21 -7.68
N THR C 60 12.66 -33.00 -8.04
CA THR C 60 13.83 -32.76 -8.85
C THR C 60 15.14 -33.05 -8.09
N PHE C 61 15.07 -32.89 -6.77
CA PHE C 61 16.24 -33.03 -5.91
C PHE C 61 16.92 -34.40 -6.04
N ILE C 62 16.12 -35.43 -6.35
CA ILE C 62 16.61 -36.81 -6.37
C ILE C 62 17.64 -36.96 -7.50
N PRO C 63 17.20 -36.72 -8.77
CA PRO C 63 18.21 -36.73 -9.82
C PRO C 63 19.31 -35.75 -9.52
N GLU C 64 18.99 -34.45 -9.37
CA GLU C 64 20.03 -33.45 -9.13
C GLU C 64 21.08 -33.87 -8.10
N SER C 65 20.68 -34.75 -7.19
CA SER C 65 21.62 -35.31 -6.24
C SER C 65 22.53 -36.34 -6.93
N LEU C 66 21.96 -37.22 -7.76
CA LEU C 66 22.91 -38.18 -8.32
C LEU C 66 23.66 -37.68 -9.61
N ILE C 67 23.06 -36.77 -10.39
CA ILE C 67 23.85 -35.86 -11.21
C ILE C 67 24.96 -35.27 -10.35
N GLY C 68 24.59 -34.90 -9.14
CA GLY C 68 25.52 -34.33 -8.19
C GLY C 68 26.71 -35.22 -7.91
N MET C 69 26.45 -36.52 -7.80
CA MET C 69 27.47 -37.56 -7.69
C MET C 69 28.33 -37.85 -8.93
N ILE C 70 27.69 -37.89 -10.10
CA ILE C 70 28.32 -38.32 -11.32
C ILE C 70 29.26 -37.20 -11.76
N PHE C 71 28.74 -36.01 -12.05
CA PHE C 71 29.61 -34.98 -12.63
C PHE C 71 30.26 -34.02 -11.62
N GLY C 72 29.67 -33.97 -10.43
CA GLY C 72 29.79 -32.83 -9.55
C GLY C 72 31.15 -32.61 -8.97
N PRO C 73 31.38 -31.42 -8.37
CA PRO C 73 30.58 -30.18 -8.31
C PRO C 73 30.10 -29.56 -9.61
N PHE C 74 31.07 -29.19 -10.46
CA PHE C 74 30.89 -28.15 -11.47
C PHE C 74 30.08 -28.52 -12.73
N TRP C 75 30.21 -29.75 -13.20
CA TRP C 75 29.38 -30.12 -14.32
C TRP C 75 27.99 -30.56 -13.86
N ALA C 76 27.90 -31.01 -12.60
CA ALA C 76 26.59 -31.20 -11.96
C ALA C 76 25.90 -29.86 -11.74
N GLY C 77 26.66 -28.86 -11.31
CA GLY C 77 26.11 -27.53 -11.20
C GLY C 77 25.52 -27.03 -12.51
N ILE C 78 26.35 -27.06 -13.57
CA ILE C 78 25.96 -26.43 -14.83
C ILE C 78 24.91 -27.25 -15.61
N GLY C 79 25.00 -28.58 -15.48
CA GLY C 79 24.01 -29.47 -16.08
C GLY C 79 22.62 -29.03 -15.67
N THR C 80 22.47 -28.86 -14.37
CA THR C 80 21.17 -28.53 -13.83
C THR C 80 20.75 -27.10 -14.11
N ALA C 81 21.67 -26.13 -13.99
CA ALA C 81 21.22 -24.76 -14.27
C ALA C 81 20.73 -24.66 -15.75
N VAL C 82 21.29 -25.49 -16.62
CA VAL C 82 20.78 -25.52 -17.98
C VAL C 82 19.57 -26.42 -18.11
N ALA C 83 19.29 -27.22 -17.06
CA ALA C 83 18.06 -28.02 -17.02
C ALA C 83 16.88 -27.13 -16.62
N ASP C 84 17.19 -26.11 -15.83
CA ASP C 84 16.30 -25.00 -15.56
C ASP C 84 15.99 -24.25 -16.84
N VAL C 85 17.07 -23.84 -17.53
CA VAL C 85 16.92 -22.95 -18.69
C VAL C 85 16.32 -23.64 -19.93
N VAL C 86 16.77 -24.86 -20.22
CA VAL C 86 16.02 -25.72 -21.16
C VAL C 86 14.61 -25.83 -20.67
N GLY C 87 14.44 -26.05 -19.38
CA GLY C 87 13.11 -26.27 -18.84
C GLY C 87 12.06 -25.20 -18.86
N MET C 88 12.38 -23.99 -18.40
CA MET C 88 11.43 -22.89 -18.50
C MET C 88 11.17 -22.65 -19.99
N LEU C 89 12.23 -22.81 -20.75
CA LEU C 89 12.34 -22.37 -22.14
C LEU C 89 11.25 -22.85 -23.05
N LEU C 90 10.90 -24.12 -22.93
CA LEU C 90 9.63 -24.60 -23.40
C LEU C 90 8.93 -24.55 -22.08
N PHE C 91 7.61 -24.73 -22.00
CA PHE C 91 6.95 -24.52 -20.72
C PHE C 91 7.18 -23.11 -20.28
N PRO C 92 6.79 -22.18 -21.11
CA PRO C 92 7.11 -20.79 -20.88
C PRO C 92 6.09 -20.01 -20.05
N LYS C 93 5.10 -20.67 -19.45
CA LYS C 93 4.06 -19.96 -18.74
C LYS C 93 4.56 -19.12 -17.57
N ALA C 94 5.51 -19.64 -16.83
CA ALA C 94 5.98 -19.00 -15.60
C ALA C 94 6.63 -17.65 -15.79
N GLY C 95 7.36 -17.48 -16.88
CA GLY C 95 8.14 -16.27 -17.09
C GLY C 95 9.49 -16.66 -16.58
N TYR C 96 10.56 -16.00 -17.00
CA TYR C 96 11.84 -16.55 -16.61
C TYR C 96 12.44 -15.58 -15.66
N PHE C 97 12.82 -16.09 -14.52
CA PHE C 97 13.54 -15.29 -13.55
C PHE C 97 14.93 -15.87 -13.27
N PRO C 98 15.97 -15.09 -13.58
CA PRO C 98 17.40 -15.44 -13.64
C PRO C 98 17.91 -16.06 -12.35
N GLY C 99 17.29 -15.60 -11.28
CA GLY C 99 17.63 -16.07 -9.97
C GLY C 99 17.35 -17.55 -9.86
N PHE C 100 16.25 -17.99 -10.40
CA PHE C 100 15.83 -19.32 -10.13
C PHE C 100 16.87 -20.21 -10.67
N THR C 101 17.44 -19.81 -11.81
CA THR C 101 18.47 -20.59 -12.49
C THR C 101 19.71 -20.70 -11.60
N LEU C 102 20.16 -19.55 -11.08
CA LEU C 102 21.30 -19.57 -10.18
C LEU C 102 20.95 -20.50 -9.08
N ASN C 103 19.68 -20.53 -8.72
CA ASN C 103 19.25 -21.37 -7.65
C ASN C 103 19.60 -22.77 -8.04
N ALA C 104 19.29 -23.09 -9.27
CA ALA C 104 19.47 -24.45 -9.71
C ALA C 104 20.92 -24.80 -9.67
N PHE C 105 21.75 -23.91 -10.15
CA PHE C 105 23.16 -24.22 -10.20
C PHE C 105 23.72 -24.38 -8.82
N LEU C 106 23.34 -23.50 -7.93
CA LEU C 106 23.91 -23.51 -6.62
C LEU C 106 23.57 -24.85 -6.01
N ALA C 107 22.34 -25.28 -6.21
CA ALA C 107 21.93 -26.54 -5.63
C ALA C 107 22.67 -27.70 -6.18
N GLY C 108 22.89 -27.70 -7.48
CA GLY C 108 23.66 -28.77 -8.08
C GLY C 108 25.07 -28.82 -7.55
N ALA C 109 25.68 -27.66 -7.40
CA ALA C 109 27.04 -27.61 -6.94
C ALA C 109 27.03 -28.20 -5.58
N ILE C 110 26.05 -27.82 -4.78
CA ILE C 110 26.05 -28.27 -3.40
C ILE C 110 25.92 -29.78 -3.34
N TYR C 111 25.03 -30.34 -4.12
CA TYR C 111 24.83 -31.78 -4.03
C TYR C 111 26.08 -32.47 -4.41
N GLY C 112 26.68 -32.03 -5.50
CA GLY C 112 27.80 -32.75 -6.01
C GLY C 112 28.89 -32.68 -4.99
N TYR C 113 29.09 -31.51 -4.39
CA TYR C 113 30.19 -31.37 -3.47
C TYR C 113 30.02 -32.28 -2.31
N PHE C 114 28.84 -32.26 -1.69
CA PHE C 114 28.74 -32.99 -0.43
C PHE C 114 28.80 -34.44 -0.77
N TYR C 115 28.03 -34.80 -1.76
CA TYR C 115 27.94 -36.19 -2.17
C TYR C 115 29.27 -36.69 -2.82
N TYR C 116 29.74 -36.09 -3.90
CA TYR C 116 30.55 -36.80 -4.89
C TYR C 116 31.78 -37.52 -4.37
N LYS C 117 31.82 -38.81 -4.68
CA LYS C 117 32.96 -39.65 -4.41
C LYS C 117 33.28 -39.51 -2.96
N LYS C 118 32.26 -39.29 -2.16
CA LYS C 118 32.41 -39.24 -0.71
C LYS C 118 31.24 -40.05 -0.30
N GLU C 119 31.30 -40.68 0.86
CA GLU C 119 30.22 -41.59 1.14
C GLU C 119 29.01 -40.86 1.67
N MET C 120 27.83 -41.35 1.36
CA MET C 120 26.62 -40.78 1.90
C MET C 120 26.29 -41.50 3.19
N THR C 121 26.70 -40.90 4.29
CA THR C 121 26.36 -41.30 5.63
C THR C 121 25.00 -40.71 5.85
N TRP C 122 24.31 -41.03 6.94
CA TRP C 122 23.05 -40.35 7.23
C TRP C 122 23.42 -38.89 7.38
N GLN C 123 24.54 -38.69 8.01
CA GLN C 123 24.95 -37.40 8.50
C GLN C 123 25.18 -36.50 7.33
N ARG C 124 25.85 -37.04 6.33
CA ARG C 124 26.27 -36.24 5.21
C ARG C 124 25.05 -35.70 4.56
N VAL C 125 24.08 -36.57 4.35
CA VAL C 125 22.91 -36.21 3.60
C VAL C 125 22.25 -35.12 4.35
N ILE C 126 22.23 -35.28 5.65
CA ILE C 126 21.49 -34.34 6.42
C ILE C 126 22.16 -33.01 6.36
N LEU C 127 23.47 -32.97 6.55
CA LEU C 127 24.13 -31.69 6.59
C LEU C 127 23.94 -31.03 5.26
N ALA C 128 24.14 -31.79 4.20
CA ALA C 128 24.15 -31.19 2.90
C ALA C 128 22.81 -30.63 2.57
N THR C 129 21.80 -31.40 2.87
CA THR C 129 20.44 -31.06 2.54
C THR C 129 19.99 -29.87 3.34
N LEU C 130 20.44 -29.83 4.57
CA LEU C 130 20.11 -28.77 5.46
C LEU C 130 20.65 -27.52 4.85
N LEU C 131 21.86 -27.61 4.34
CA LEU C 131 22.48 -26.45 3.73
C LEU C 131 21.70 -25.93 2.55
N VAL C 132 21.21 -26.83 1.73
CA VAL C 132 20.50 -26.45 0.53
C VAL C 132 19.25 -25.75 0.97
N THR C 133 18.59 -26.38 1.91
CA THR C 133 17.28 -25.95 2.30
C THR C 133 17.34 -24.60 2.98
N VAL C 134 18.31 -24.39 3.84
CA VAL C 134 18.42 -23.14 4.52
C VAL C 134 18.70 -22.14 3.46
N LEU C 135 19.69 -22.44 2.65
CA LEU C 135 20.21 -21.35 1.92
C LEU C 135 19.32 -21.17 0.79
N ILE C 136 19.30 -22.19 -0.05
CA ILE C 136 18.77 -21.94 -1.33
C ILE C 136 17.31 -21.65 -1.18
N ASN C 137 16.57 -22.60 -0.62
CA ASN C 137 15.14 -22.52 -0.79
C ASN C 137 14.69 -21.29 -0.11
N ILE C 138 14.95 -21.22 1.18
CA ILE C 138 14.32 -20.20 1.94
C ILE C 138 14.83 -18.90 1.43
N ILE C 139 16.14 -18.70 1.42
CA ILE C 139 16.54 -17.32 1.34
C ILE C 139 16.23 -16.88 -0.04
N LEU C 140 16.70 -17.72 -0.92
CA LEU C 140 16.83 -17.27 -2.24
C LEU C 140 15.48 -17.13 -2.80
N THR C 141 14.64 -18.08 -2.46
CA THR C 141 13.38 -18.16 -3.14
C THR C 141 12.49 -17.00 -2.73
N PRO C 142 12.34 -16.73 -1.34
CA PRO C 142 11.78 -15.40 -1.11
C PRO C 142 12.42 -14.22 -1.77
N LEU C 143 13.73 -14.16 -1.84
CA LEU C 143 14.37 -13.01 -2.41
C LEU C 143 13.87 -12.86 -3.81
N TRP C 144 13.81 -13.95 -4.55
CA TRP C 144 13.35 -13.89 -5.91
C TRP C 144 11.91 -13.49 -6.05
N LEU C 145 11.03 -14.11 -5.28
CA LEU C 145 9.62 -13.75 -5.38
C LEU C 145 9.39 -12.38 -4.81
N SER C 146 10.03 -12.14 -3.69
CA SER C 146 10.05 -10.76 -3.17
C SER C 146 10.32 -9.79 -4.30
N LEU C 147 11.30 -10.06 -5.13
CA LEU C 147 11.47 -9.23 -6.31
C LEU C 147 10.45 -9.43 -7.42
N MET C 148 10.18 -10.66 -7.85
CA MET C 148 9.29 -10.78 -9.02
C MET C 148 7.84 -10.30 -8.97
N TYR C 149 7.12 -10.60 -7.92
CA TYR C 149 5.74 -10.37 -7.80
C TYR C 149 5.96 -9.47 -6.65
N GLY C 150 4.98 -8.68 -6.26
CA GLY C 150 5.27 -7.75 -5.21
C GLY C 150 4.74 -8.25 -3.91
N VAL C 151 5.66 -8.60 -3.02
CA VAL C 151 5.33 -8.95 -1.66
C VAL C 151 6.40 -8.40 -0.76
N ASN C 152 6.01 -8.06 0.45
CA ASN C 152 6.92 -7.46 1.39
C ASN C 152 7.42 -8.59 2.25
N LEU C 153 8.72 -8.65 2.47
CA LEU C 153 9.28 -9.83 3.11
C LEU C 153 8.71 -10.06 4.50
N ALA C 154 8.56 -8.97 5.24
CA ALA C 154 8.17 -8.98 6.66
C ALA C 154 6.78 -9.51 7.08
N ASN C 155 5.75 -9.16 6.33
CA ASN C 155 4.41 -9.47 6.77
C ASN C 155 4.15 -10.91 6.48
N PHE C 156 3.97 -11.67 7.55
CA PHE C 156 4.25 -13.10 7.59
C PHE C 156 3.12 -14.06 7.29
N ALA C 157 1.96 -13.55 6.91
CA ALA C 157 0.87 -14.42 6.56
C ALA C 157 1.35 -15.27 5.40
N TRP C 158 2.17 -14.67 4.57
CA TRP C 158 2.83 -15.30 3.43
C TRP C 158 3.81 -16.43 3.74
N TRP C 159 4.64 -16.26 4.77
CA TRP C 159 5.69 -17.21 5.06
C TRP C 159 5.16 -18.57 5.38
N VAL C 160 4.07 -18.57 6.09
CA VAL C 160 3.55 -19.76 6.78
C VAL C 160 3.55 -21.04 5.95
N PRO C 161 3.09 -20.99 4.68
CA PRO C 161 3.11 -22.24 3.92
C PRO C 161 4.53 -22.68 3.52
N ARG C 162 5.42 -21.70 3.32
CA ARG C 162 6.82 -22.02 3.09
C ARG C 162 7.41 -22.69 4.33
N LEU C 163 7.06 -22.14 5.49
CA LEU C 163 7.56 -22.64 6.76
C LEU C 163 7.01 -24.00 7.16
N ILE C 164 5.77 -24.33 6.75
CA ILE C 164 5.18 -25.66 6.94
C ILE C 164 5.82 -26.69 6.04
N LYS C 165 5.83 -26.35 4.74
CA LYS C 165 6.27 -27.25 3.69
C LYS C 165 7.74 -27.58 3.85
N THR C 166 8.54 -26.60 4.23
CA THR C 166 9.96 -26.84 4.47
C THR C 166 10.18 -27.97 5.51
N VAL C 167 9.56 -27.83 6.68
CA VAL C 167 9.74 -28.79 7.78
C VAL C 167 9.07 -30.15 7.57
N ILE C 168 7.99 -30.23 6.78
CA ILE C 168 7.48 -31.56 6.38
C ILE C 168 8.27 -32.20 5.22
N PHE C 169 8.59 -31.47 4.17
CA PHE C 169 9.32 -32.14 3.11
C PHE C 169 10.68 -32.71 3.49
N PHE C 170 11.39 -32.01 4.33
CA PHE C 170 12.80 -32.21 4.54
C PHE C 170 13.01 -33.66 4.97
N PRO C 171 12.03 -34.17 5.84
CA PRO C 171 12.29 -35.56 6.23
C PRO C 171 12.24 -36.39 4.97
N ILE C 172 11.31 -36.04 4.10
CA ILE C 172 11.12 -36.83 2.92
C ILE C 172 12.38 -36.83 2.11
N GLN C 173 12.95 -35.64 1.94
CA GLN C 173 14.14 -35.44 1.13
C GLN C 173 15.33 -36.23 1.66
N VAL C 174 15.45 -36.33 2.98
CA VAL C 174 16.59 -37.03 3.53
C VAL C 174 16.36 -38.50 3.29
N ILE C 175 15.16 -38.96 3.58
CA ILE C 175 14.92 -40.38 3.55
C ILE C 175 15.15 -40.85 2.15
N ALA C 176 14.58 -40.14 1.20
CA ALA C 176 14.68 -40.58 -0.18
C ALA C 176 16.08 -40.56 -0.76
N THR C 177 16.87 -39.51 -0.50
CA THR C 177 18.20 -39.46 -1.11
C THR C 177 18.93 -40.61 -0.53
N TYR C 178 18.77 -40.77 0.78
CA TYR C 178 19.60 -41.73 1.46
C TYR C 178 19.32 -43.07 0.86
N TYR C 179 18.06 -43.36 0.59
CA TYR C 179 17.73 -44.63 -0.02
C TYR C 179 18.36 -44.74 -1.39
N LEU C 180 18.28 -43.67 -2.15
CA LEU C 180 18.92 -43.53 -3.45
C LEU C 180 20.43 -43.86 -3.39
N GLY C 181 21.20 -43.06 -2.67
CA GLY C 181 22.64 -43.27 -2.50
C GLY C 181 23.12 -44.65 -2.05
N ASN C 182 22.21 -45.45 -1.46
CA ASN C 182 22.52 -46.81 -1.06
C ASN C 182 21.52 -47.81 -1.66
N LYS C 183 21.41 -47.80 -2.98
CA LYS C 183 20.36 -48.57 -3.61
C LYS C 183 19.69 -49.38 -2.54
N PHE C 186 25.45 -48.60 -9.35
CA PHE C 186 26.44 -49.19 -8.48
C PHE C 186 27.83 -49.21 -9.08
N LYS C 187 27.91 -49.08 -10.41
CA LYS C 187 29.16 -49.14 -11.20
C LYS C 187 30.33 -48.11 -11.19
N ARG C 188 30.08 -46.80 -11.14
CA ARG C 188 31.08 -45.89 -11.71
C ARG C 188 31.19 -44.40 -11.34
N LEU C 189 32.02 -43.70 -12.15
CA LEU C 189 32.17 -42.24 -12.02
C LEU C 189 32.47 -41.50 -13.35
N PHE C 190 32.01 -40.25 -13.48
CA PHE C 190 32.20 -39.44 -14.68
C PHE C 190 32.69 -38.07 -14.30
N GLY C 191 33.49 -38.01 -13.26
CA GLY C 191 33.80 -36.76 -12.60
C GLY C 191 34.49 -35.88 -13.58
N LYS C 192 34.55 -34.60 -13.32
CA LYS C 192 35.13 -33.68 -14.26
C LYS C 192 36.00 -32.71 -13.53
N PRO C 193 36.92 -31.99 -14.30
CA PRO C 193 37.87 -31.19 -13.50
C PRO C 193 37.30 -29.99 -12.79
N LEU C 194 36.49 -29.22 -13.49
CA LEU C 194 36.14 -27.86 -13.12
C LEU C 194 35.94 -27.10 -14.40
N PHE D 26 -11.17 -35.44 42.88
CA PHE D 26 -9.81 -35.58 42.34
C PHE D 26 -8.83 -36.15 43.32
N GLY D 27 -7.70 -36.56 42.78
CA GLY D 27 -6.59 -36.98 43.59
C GLY D 27 -6.95 -38.38 43.99
N THR D 28 -6.26 -38.92 44.99
CA THR D 28 -5.09 -38.32 45.59
C THR D 28 -3.90 -38.80 44.74
N LYS D 29 -4.17 -39.85 43.95
CA LYS D 29 -3.19 -40.40 43.01
C LYS D 29 -2.91 -39.48 41.81
N SER D 30 -3.95 -38.81 41.33
CA SER D 30 -3.79 -37.87 40.23
C SER D 30 -2.78 -36.77 40.50
N ILE D 31 -2.84 -36.22 41.71
CA ILE D 31 -1.94 -35.13 42.06
C ILE D 31 -0.51 -35.61 42.37
N ALA D 32 -0.39 -36.92 42.62
CA ALA D 32 0.93 -37.54 42.81
C ALA D 32 1.62 -37.64 41.48
N LEU D 33 0.87 -38.13 40.50
CA LEU D 33 1.45 -38.27 39.16
C LEU D 33 1.70 -36.91 38.57
N MET D 34 0.81 -35.96 38.83
CA MET D 34 1.01 -34.62 38.31
C MET D 34 2.20 -34.02 39.00
N GLY D 35 2.31 -34.29 40.28
CA GLY D 35 3.43 -33.72 40.97
C GLY D 35 4.68 -34.31 40.40
N VAL D 36 4.65 -35.62 40.22
CA VAL D 36 5.85 -36.31 39.80
C VAL D 36 6.25 -35.86 38.42
N LEU D 37 5.29 -35.84 37.51
CA LEU D 37 5.57 -35.43 36.16
C LEU D 37 5.95 -33.99 36.04
N ILE D 38 5.32 -33.13 36.81
CA ILE D 38 5.64 -31.73 36.76
C ILE D 38 7.09 -31.60 37.19
N ALA D 39 7.47 -32.36 38.19
CA ALA D 39 8.85 -32.32 38.67
C ALA D 39 9.84 -32.82 37.65
N VAL D 40 9.50 -33.89 36.96
CA VAL D 40 10.38 -34.41 35.94
C VAL D 40 10.54 -33.33 34.90
N VAL D 41 9.47 -32.63 34.56
CA VAL D 41 9.53 -31.60 33.55
C VAL D 41 10.45 -30.50 33.99
N VAL D 42 10.37 -30.11 35.24
CA VAL D 42 11.17 -29.02 35.70
C VAL D 42 12.58 -29.45 35.54
N VAL D 43 12.87 -30.66 35.98
CA VAL D 43 14.25 -31.09 35.99
C VAL D 43 14.71 -31.08 34.57
N PHE D 44 13.87 -31.60 33.70
CA PHE D 44 14.30 -31.84 32.35
C PHE D 44 14.67 -30.53 31.77
N SER D 45 13.79 -29.54 31.84
CA SER D 45 14.11 -28.35 31.09
C SER D 45 15.36 -27.77 31.73
N ARG D 46 15.31 -27.59 33.03
CA ARG D 46 16.35 -26.78 33.62
C ARG D 46 17.70 -27.38 33.46
N PHE D 47 17.77 -28.70 33.55
CA PHE D 47 19.09 -29.31 33.68
C PHE D 47 19.53 -29.99 32.42
N PHE D 48 18.58 -30.24 31.55
CA PHE D 48 18.80 -31.06 30.38
C PHE D 48 18.26 -30.36 29.20
N ALA D 49 18.16 -29.07 29.35
CA ALA D 49 17.87 -28.23 28.18
C ALA D 49 19.15 -27.58 27.73
N TYR D 50 19.26 -27.34 26.43
CA TYR D 50 20.37 -26.53 25.90
C TYR D 50 19.99 -25.06 25.73
N GLU D 51 20.63 -24.18 26.49
CA GLU D 51 20.38 -22.76 26.35
C GLU D 51 21.52 -21.87 25.88
N THR D 52 21.21 -21.00 24.92
CA THR D 52 21.95 -19.75 24.74
C THR D 52 20.89 -18.73 24.39
N THR D 53 21.25 -17.47 24.38
CA THR D 53 20.38 -16.46 24.93
C THR D 53 18.95 -16.51 24.38
N PHE D 54 18.77 -16.61 23.08
CA PHE D 54 17.40 -16.57 22.62
C PHE D 54 16.96 -17.77 21.82
N LEU D 55 17.71 -18.84 21.96
CA LEU D 55 17.24 -20.09 21.46
C LEU D 55 17.50 -21.08 22.54
N LYS D 56 16.55 -21.96 22.75
CA LYS D 56 16.73 -23.04 23.68
C LYS D 56 16.33 -24.28 22.97
N ILE D 57 17.11 -25.32 23.18
CA ILE D 57 16.79 -26.59 22.61
C ILE D 57 16.56 -27.38 23.86
N SER D 58 15.43 -28.07 23.91
CA SER D 58 14.99 -28.67 25.15
C SER D 58 14.43 -30.05 24.88
N PHE D 59 14.47 -30.88 25.90
CA PHE D 59 13.98 -32.23 25.76
C PHE D 59 12.84 -32.36 26.73
N THR D 60 11.71 -31.78 26.38
CA THR D 60 10.70 -31.56 27.39
C THR D 60 9.33 -31.87 26.84
N PHE D 61 9.28 -32.23 25.57
CA PHE D 61 8.08 -32.73 24.93
C PHE D 61 7.80 -34.11 25.48
N ILE D 62 8.83 -34.79 26.00
CA ILE D 62 8.73 -36.19 26.43
C ILE D 62 7.76 -36.29 27.61
N PRO D 63 8.10 -35.68 28.77
CA PRO D 63 7.04 -35.70 29.78
C PRO D 63 5.82 -34.87 29.37
N GLU D 64 5.89 -33.83 28.58
CA GLU D 64 4.64 -33.12 28.29
C GLU D 64 3.69 -33.92 27.41
N SER D 65 4.20 -34.88 26.66
CA SER D 65 3.32 -35.68 25.82
C SER D 65 2.78 -36.85 26.64
N LEU D 66 3.61 -37.32 27.58
CA LEU D 66 3.15 -38.34 28.51
C LEU D 66 2.04 -37.78 29.47
N ILE D 67 2.22 -36.53 29.91
CA ILE D 67 1.26 -35.85 30.74
C ILE D 67 0.02 -35.55 29.93
N GLY D 68 0.17 -35.41 28.63
CA GLY D 68 -1.00 -35.26 27.78
C GLY D 68 -1.80 -36.52 27.48
N MET D 69 -1.12 -37.65 27.30
CA MET D 69 -1.81 -38.92 27.06
C MET D 69 -2.32 -39.57 28.36
N ILE D 70 -1.75 -39.15 29.49
CA ILE D 70 -2.23 -39.62 30.79
C ILE D 70 -3.37 -38.75 31.36
N PHE D 71 -3.19 -37.43 31.43
CA PHE D 71 -4.21 -36.56 31.99
C PHE D 71 -5.14 -35.85 31.03
N GLY D 72 -5.00 -36.04 29.75
CA GLY D 72 -5.88 -35.37 28.80
C GLY D 72 -5.49 -33.92 28.66
N PRO D 73 -6.16 -33.20 27.78
CA PRO D 73 -5.76 -31.82 27.47
C PRO D 73 -5.82 -30.70 28.48
N PHE D 74 -6.94 -30.51 29.14
CA PHE D 74 -7.08 -29.31 29.93
C PHE D 74 -6.13 -29.38 31.09
N TRP D 75 -6.10 -30.53 31.74
CA TRP D 75 -5.33 -30.73 32.97
C TRP D 75 -3.86 -31.04 32.72
N ALA D 76 -3.55 -31.39 31.48
CA ALA D 76 -2.15 -31.50 31.07
C ALA D 76 -1.64 -30.11 30.78
N GLY D 77 -2.49 -29.30 30.15
CA GLY D 77 -2.19 -27.91 29.91
C GLY D 77 -1.90 -27.11 31.16
N ILE D 78 -2.84 -27.12 32.10
CA ILE D 78 -2.67 -26.46 33.40
C ILE D 78 -1.59 -27.14 34.21
N GLY D 79 -1.58 -28.48 34.10
CA GLY D 79 -0.65 -29.32 34.83
C GLY D 79 0.75 -28.84 34.56
N THR D 80 1.09 -28.67 33.29
CA THR D 80 2.41 -28.19 32.96
C THR D 80 2.59 -26.66 33.02
N ALA D 81 1.51 -25.88 32.82
CA ALA D 81 1.63 -24.43 32.95
C ALA D 81 2.19 -24.13 34.32
N VAL D 82 1.64 -24.79 35.35
CA VAL D 82 2.21 -24.63 36.67
C VAL D 82 3.63 -25.22 36.77
N ALA D 83 3.98 -26.19 35.91
CA ALA D 83 5.35 -26.75 35.90
C ALA D 83 6.33 -25.68 35.49
N ASP D 84 5.81 -24.78 34.67
CA ASP D 84 6.47 -23.58 34.22
C ASP D 84 6.59 -22.50 35.32
N VAL D 85 5.46 -22.16 35.99
CA VAL D 85 5.53 -21.07 37.00
C VAL D 85 6.36 -21.56 38.19
N VAL D 86 6.34 -22.87 38.45
CA VAL D 86 7.18 -23.50 39.47
C VAL D 86 8.65 -23.57 39.06
N GLY D 87 8.83 -23.87 37.77
CA GLY D 87 10.13 -23.85 37.13
C GLY D 87 10.85 -22.57 37.47
N MET D 88 10.20 -21.42 37.24
CA MET D 88 10.90 -20.19 37.60
C MET D 88 10.75 -19.68 39.05
N LEU D 89 9.76 -20.15 39.80
CA LEU D 89 9.78 -19.80 41.23
C LEU D 89 11.13 -20.31 41.70
N LEU D 90 11.52 -21.49 41.19
CA LEU D 90 12.79 -22.11 41.57
C LEU D 90 14.09 -21.57 40.94
N PHE D 91 14.07 -21.21 39.67
CA PHE D 91 15.27 -20.62 39.03
C PHE D 91 14.97 -19.27 38.35
N PRO D 92 15.20 -18.16 39.10
CA PRO D 92 14.92 -16.75 38.77
C PRO D 92 15.78 -15.91 37.80
N LYS D 93 17.04 -16.20 37.51
CA LYS D 93 17.92 -15.25 36.75
C LYS D 93 17.35 -14.71 35.44
N ALA D 94 16.58 -15.52 34.72
CA ALA D 94 16.01 -15.07 33.45
C ALA D 94 14.99 -13.96 33.64
N GLY D 95 14.27 -14.01 34.76
CA GLY D 95 13.11 -13.17 34.98
C GLY D 95 11.88 -13.95 34.52
N TYR D 96 10.68 -13.42 34.70
CA TYR D 96 9.47 -14.17 34.33
C TYR D 96 8.67 -13.40 33.26
N PHE D 97 8.05 -14.09 32.29
CA PHE D 97 7.16 -13.39 31.34
C PHE D 97 5.83 -14.12 30.95
N PRO D 98 4.65 -13.51 31.10
CA PRO D 98 3.42 -14.33 30.90
C PRO D 98 3.31 -15.29 29.66
N GLY D 99 3.59 -14.73 28.47
CA GLY D 99 3.41 -15.41 27.19
C GLY D 99 3.98 -16.76 26.83
N PHE D 100 5.18 -17.07 27.26
CA PHE D 100 5.70 -18.41 27.06
C PHE D 100 4.81 -19.37 27.87
N THR D 101 4.14 -18.91 28.96
CA THR D 101 3.38 -19.87 29.78
C THR D 101 2.11 -20.07 29.05
N LEU D 102 1.69 -19.04 28.33
CA LEU D 102 0.60 -19.29 27.38
C LEU D 102 1.04 -20.37 26.37
N ASN D 103 2.31 -20.32 25.99
CA ASN D 103 2.90 -21.36 25.18
C ASN D 103 2.75 -22.71 25.90
N ALA D 104 3.03 -22.75 27.20
CA ALA D 104 3.02 -24.00 27.97
C ALA D 104 1.65 -24.65 28.02
N PHE D 105 0.64 -23.83 28.25
CA PHE D 105 -0.70 -24.37 28.24
C PHE D 105 -1.04 -24.89 26.85
N LEU D 106 -0.61 -24.19 25.80
CA LEU D 106 -0.91 -24.65 24.43
C LEU D 106 -0.19 -25.94 24.06
N ALA D 107 1.06 -26.08 24.49
CA ALA D 107 1.80 -27.30 24.24
C ALA D 107 1.04 -28.45 24.90
N GLY D 108 0.76 -28.28 26.20
CA GLY D 108 0.09 -29.30 27.00
C GLY D 108 -1.24 -29.72 26.42
N ALA D 109 -2.05 -28.71 26.09
CA ALA D 109 -3.40 -28.88 25.59
C ALA D 109 -3.35 -29.64 24.27
N ILE D 110 -2.40 -29.28 23.40
CA ILE D 110 -2.21 -29.97 22.11
C ILE D 110 -1.82 -31.46 22.28
N TYR D 111 -0.81 -31.74 23.10
CA TYR D 111 -0.34 -33.13 23.31
C TYR D 111 -1.50 -33.92 23.86
N GLY D 112 -2.26 -33.27 24.74
CA GLY D 112 -3.42 -33.86 25.34
C GLY D 112 -4.53 -34.20 24.37
N TYR D 113 -4.97 -33.24 23.57
CA TYR D 113 -6.11 -33.44 22.68
C TYR D 113 -5.75 -34.49 21.63
N PHE D 114 -4.49 -34.51 21.23
CA PHE D 114 -4.03 -35.52 20.27
C PHE D 114 -3.77 -36.93 20.82
N TYR D 115 -3.28 -37.07 22.04
CA TYR D 115 -2.77 -38.39 22.42
C TYR D 115 -3.63 -39.19 23.42
N TYR D 116 -4.50 -38.50 24.14
CA TYR D 116 -5.22 -39.15 25.20
C TYR D 116 -6.21 -40.09 24.60
N LYS D 117 -6.11 -41.36 24.97
CA LYS D 117 -7.18 -42.30 24.71
C LYS D 117 -7.51 -42.30 23.26
N LYS D 118 -6.48 -42.17 22.45
CA LYS D 118 -6.66 -42.33 21.01
C LYS D 118 -5.41 -42.92 20.37
N GLU D 119 -5.58 -43.53 19.20
CA GLU D 119 -4.46 -44.19 18.56
C GLU D 119 -3.38 -43.17 18.23
N MET D 120 -2.13 -43.50 18.50
CA MET D 120 -1.02 -42.60 18.23
C MET D 120 -0.25 -43.14 17.04
N THR D 121 -0.54 -42.53 15.90
CA THR D 121 0.00 -42.90 14.61
C THR D 121 1.10 -41.99 14.07
N TRP D 122 1.84 -42.47 13.05
CA TRP D 122 2.78 -41.61 12.33
C TRP D 122 2.00 -40.42 11.81
N GLN D 123 0.82 -40.71 11.27
CA GLN D 123 -0.03 -39.69 10.70
C GLN D 123 -0.47 -38.69 11.78
N ARG D 124 -0.44 -39.12 13.05
CA ARG D 124 -0.94 -38.31 14.20
C ARG D 124 0.15 -37.86 15.18
N VAL D 125 1.27 -38.57 15.28
CA VAL D 125 2.40 -37.94 15.97
C VAL D 125 2.86 -36.73 15.15
N ILE D 126 2.95 -36.90 13.83
CA ILE D 126 3.50 -35.84 12.99
C ILE D 126 2.69 -34.52 13.04
N LEU D 127 1.37 -34.58 12.98
CA LEU D 127 0.67 -33.30 12.85
C LEU D 127 0.31 -32.57 14.17
N ALA D 128 0.42 -33.23 15.32
CA ALA D 128 0.42 -32.45 16.56
C ALA D 128 1.76 -31.71 16.62
N THR D 129 2.83 -32.52 16.62
CA THR D 129 4.21 -32.09 16.69
C THR D 129 4.55 -31.04 15.62
N LEU D 130 3.77 -31.00 14.54
CA LEU D 130 3.90 -29.92 13.55
C LEU D 130 3.20 -28.66 14.10
N LEU D 131 2.06 -28.85 14.76
CA LEU D 131 1.35 -27.70 15.31
C LEU D 131 2.03 -27.10 16.53
N VAL D 132 2.72 -27.92 17.34
CA VAL D 132 3.42 -27.30 18.46
C VAL D 132 4.54 -26.41 17.92
N THR D 133 5.39 -26.98 17.09
CA THR D 133 6.55 -26.29 16.54
C THR D 133 6.20 -25.04 15.68
N VAL D 134 5.15 -25.10 14.88
CA VAL D 134 4.73 -23.90 14.16
C VAL D 134 4.08 -22.86 15.07
N LEU D 135 3.06 -23.28 15.83
CA LEU D 135 2.27 -22.32 16.58
C LEU D 135 2.99 -21.82 17.80
N ILE D 136 3.76 -22.70 18.40
CA ILE D 136 4.43 -22.35 19.64
C ILE D 136 5.86 -21.87 19.39
N ASN D 137 6.59 -22.62 18.57
CA ASN D 137 8.03 -22.40 18.46
C ASN D 137 8.40 -21.36 17.39
N ILE D 138 7.51 -21.15 16.43
CA ILE D 138 7.75 -20.13 15.43
C ILE D 138 6.70 -19.02 15.34
N ILE D 139 5.44 -19.29 15.67
CA ILE D 139 4.48 -18.20 15.54
C ILE D 139 4.54 -17.33 16.77
N LEU D 140 4.71 -17.97 17.92
CA LEU D 140 4.58 -17.25 19.16
C LEU D 140 5.89 -16.98 19.88
N THR D 141 6.79 -17.94 19.95
CA THR D 141 7.94 -17.66 20.77
C THR D 141 8.75 -16.47 20.25
N PRO D 142 9.10 -16.43 18.94
CA PRO D 142 9.81 -15.20 18.54
C PRO D 142 8.95 -13.96 18.68
N LEU D 143 7.63 -14.16 18.64
CA LEU D 143 6.67 -13.08 18.84
C LEU D 143 6.70 -12.58 20.31
N TRP D 144 7.21 -13.43 21.20
CA TRP D 144 7.38 -13.04 22.58
C TRP D 144 8.77 -12.62 22.95
N LEU D 145 9.73 -12.85 22.09
CA LEU D 145 11.00 -12.17 22.22
C LEU D 145 10.89 -10.73 21.84
N SER D 146 10.07 -10.46 20.85
CA SER D 146 9.96 -9.11 20.33
C SER D 146 9.44 -8.17 21.39
N LEU D 147 8.46 -8.61 22.17
CA LEU D 147 7.93 -7.77 23.24
C LEU D 147 8.88 -7.46 24.40
N MET D 148 9.57 -8.46 24.92
CA MET D 148 10.57 -8.20 25.94
C MET D 148 11.81 -7.51 25.40
N TYR D 149 12.28 -7.99 24.27
CA TYR D 149 13.57 -7.55 23.76
C TYR D 149 13.48 -6.63 22.58
N GLY D 150 12.30 -6.55 21.98
CA GLY D 150 12.10 -5.57 20.94
C GLY D 150 13.14 -5.68 19.85
N VAL D 151 13.53 -6.90 19.52
CA VAL D 151 14.38 -7.08 18.36
C VAL D 151 13.49 -6.90 17.18
N ASN D 152 13.92 -6.12 16.19
CA ASN D 152 13.14 -6.03 14.99
C ASN D 152 13.22 -7.37 14.36
N LEU D 153 12.08 -7.88 13.92
CA LEU D 153 12.02 -9.20 13.37
C LEU D 153 12.11 -9.17 11.87
N ALA D 154 12.26 -7.99 11.32
CA ALA D 154 12.33 -7.85 9.89
C ALA D 154 13.76 -8.14 9.54
N ASN D 155 14.05 -9.43 9.46
CA ASN D 155 15.39 -9.88 9.23
C ASN D 155 15.29 -11.23 8.63
N PHE D 156 16.42 -11.73 8.20
CA PHE D 156 16.68 -13.13 8.16
C PHE D 156 17.73 -13.44 9.21
N ALA D 157 18.49 -12.44 9.59
CA ALA D 157 19.70 -12.71 10.32
C ALA D 157 19.36 -13.40 11.58
N TRP D 158 18.33 -12.88 12.25
CA TRP D 158 17.88 -13.41 13.53
C TRP D 158 17.30 -14.80 13.48
N TRP D 159 16.46 -15.03 12.51
CA TRP D 159 15.68 -16.22 12.46
C TRP D 159 16.58 -17.40 12.34
N VAL D 160 17.70 -17.20 11.70
CA VAL D 160 18.36 -18.28 11.05
C VAL D 160 18.75 -19.42 11.97
N PRO D 161 19.34 -19.17 13.13
CA PRO D 161 19.55 -20.34 13.98
C PRO D 161 18.22 -20.99 14.42
N ARG D 162 17.18 -20.20 14.59
CA ARG D 162 15.92 -20.73 15.03
C ARG D 162 15.39 -21.71 14.01
N LEU D 163 15.49 -21.35 12.76
CA LEU D 163 14.99 -22.23 11.72
C LEU D 163 15.77 -23.51 11.63
N ILE D 164 17.07 -23.43 11.77
CA ILE D 164 17.87 -24.64 11.67
C ILE D 164 17.48 -25.58 12.78
N LYS D 165 17.36 -25.01 13.96
CA LYS D 165 17.08 -25.84 15.11
C LYS D 165 15.76 -26.46 14.87
N THR D 166 14.85 -25.65 14.42
CA THR D 166 13.49 -26.07 14.35
C THR D 166 13.42 -27.26 13.45
N VAL D 167 14.06 -27.16 12.31
CA VAL D 167 13.95 -28.26 11.35
C VAL D 167 14.55 -29.57 11.84
N ILE D 168 15.78 -29.51 12.36
CA ILE D 168 16.39 -30.78 12.75
C ILE D 168 15.52 -31.35 13.85
N PHE D 169 15.10 -30.43 14.69
CA PHE D 169 14.43 -30.82 15.88
C PHE D 169 13.16 -31.49 15.59
N PHE D 170 12.45 -31.04 14.57
CA PHE D 170 11.18 -31.62 14.26
C PHE D 170 11.31 -33.08 13.92
N PRO D 171 12.29 -33.46 12.96
CA PRO D 171 12.40 -34.93 12.92
C PRO D 171 12.69 -35.58 14.26
N ILE D 172 13.59 -35.01 15.04
CA ILE D 172 13.98 -35.72 16.25
C ILE D 172 12.78 -35.98 17.11
N GLN D 173 11.98 -34.96 17.34
CA GLN D 173 10.83 -35.11 18.22
C GLN D 173 9.74 -36.02 17.68
N VAL D 174 9.52 -35.96 16.38
CA VAL D 174 8.50 -36.80 15.80
C VAL D 174 8.89 -38.22 16.06
N ILE D 175 10.17 -38.51 15.91
CA ILE D 175 10.61 -39.86 16.22
C ILE D 175 10.55 -40.24 17.69
N ALA D 176 10.96 -39.35 18.59
CA ALA D 176 10.90 -39.70 20.00
C ALA D 176 9.52 -39.71 20.61
N THR D 177 8.79 -38.63 20.43
CA THR D 177 7.41 -38.53 20.81
C THR D 177 6.56 -39.64 20.26
N TYR D 178 7.01 -40.31 19.22
CA TYR D 178 6.25 -41.40 18.67
C TYR D 178 6.67 -42.66 19.34
N TYR D 179 7.95 -42.96 19.31
CA TYR D 179 8.46 -44.18 19.89
C TYR D 179 8.01 -44.23 21.31
N LEU D 180 8.03 -43.09 21.94
CA LEU D 180 7.68 -43.00 23.35
C LEU D 180 6.21 -43.30 23.61
N GLY D 181 5.44 -43.49 22.55
CA GLY D 181 4.05 -43.85 22.66
C GLY D 181 3.81 -45.26 22.19
N ASN D 182 4.92 -45.98 22.05
CA ASN D 182 4.97 -47.39 21.72
C ASN D 182 6.36 -47.82 22.08
N LYS D 183 6.57 -48.25 23.32
CA LYS D 183 7.87 -48.43 23.95
C LYS D 183 8.51 -49.77 23.80
N PHE D 186 4.56 -54.77 32.54
CA PHE D 186 3.63 -53.75 32.08
C PHE D 186 2.93 -53.12 33.27
N LYS D 187 2.74 -51.82 33.22
CA LYS D 187 2.08 -51.09 34.30
C LYS D 187 0.57 -51.35 34.29
N PHE D 190 -2.21 -44.71 34.30
CA PHE D 190 -3.46 -44.01 33.92
C PHE D 190 -4.03 -43.05 34.97
N GLY D 191 -4.93 -42.14 34.56
CA GLY D 191 -5.49 -41.13 35.48
C GLY D 191 -6.55 -40.04 35.17
N LYS D 192 -6.19 -38.83 35.58
CA LYS D 192 -7.00 -37.85 36.27
C LYS D 192 -7.49 -36.62 35.47
N PRO D 193 -8.50 -36.88 34.55
CA PRO D 193 -9.07 -35.69 33.93
C PRO D 193 -10.50 -35.47 34.38
N SER D 195 -13.72 -31.06 34.37
CA SER D 195 -12.83 -30.12 33.74
C SER D 195 -13.05 -28.78 34.40
N GLU D 196 -11.98 -28.04 34.66
CA GLU D 196 -12.09 -26.74 35.29
C GLU D 196 -13.16 -25.95 34.61
N SER E 30 32.97 24.34 -48.73
CA SER E 30 33.13 24.45 -47.31
C SER E 30 32.69 25.88 -47.12
N ILE E 31 33.29 26.76 -47.90
CA ILE E 31 32.97 28.16 -47.83
C ILE E 31 31.50 28.41 -48.13
N ALA E 32 30.91 27.71 -49.08
CA ALA E 32 29.53 28.05 -49.45
C ALA E 32 28.66 27.84 -48.24
N LEU E 33 28.87 26.70 -47.61
CA LEU E 33 28.10 26.29 -46.46
C LEU E 33 28.35 27.21 -45.30
N MET E 34 29.60 27.63 -45.20
CA MET E 34 30.03 28.51 -44.15
C MET E 34 29.32 29.83 -44.27
N GLY E 35 29.21 30.32 -45.50
CA GLY E 35 28.59 31.58 -45.73
C GLY E 35 27.17 31.40 -45.29
N VAL E 36 26.58 30.27 -45.67
CA VAL E 36 25.18 30.09 -45.39
C VAL E 36 25.00 30.17 -43.88
N LEU E 37 25.84 29.44 -43.17
CA LEU E 37 25.67 29.38 -41.74
C LEU E 37 25.86 30.71 -41.09
N ILE E 38 26.91 31.45 -41.47
CA ILE E 38 27.17 32.71 -40.77
C ILE E 38 26.03 33.64 -41.02
N ALA E 39 25.56 33.64 -42.26
CA ALA E 39 24.52 34.55 -42.62
C ALA E 39 23.33 34.19 -41.77
N VAL E 40 23.12 32.90 -41.61
CA VAL E 40 21.98 32.51 -40.80
C VAL E 40 22.19 32.91 -39.36
N VAL E 41 23.42 32.74 -38.88
CA VAL E 41 23.69 33.09 -37.50
C VAL E 41 23.46 34.58 -37.29
N VAL E 42 23.96 35.36 -38.22
CA VAL E 42 23.87 36.79 -38.06
C VAL E 42 22.41 37.14 -38.03
N VAL E 43 21.64 36.51 -38.91
CA VAL E 43 20.20 36.78 -38.99
C VAL E 43 19.41 36.36 -37.73
N PHE E 44 19.80 35.26 -37.12
CA PHE E 44 19.24 34.84 -35.85
C PHE E 44 19.56 35.82 -34.73
N SER E 45 20.73 36.42 -34.76
CA SER E 45 21.06 37.44 -33.77
C SER E 45 20.80 38.82 -34.36
N ARG E 46 20.00 38.76 -35.41
CA ARG E 46 19.82 39.79 -36.40
C ARG E 46 19.29 41.13 -35.90
N PHE E 47 18.38 41.17 -34.95
CA PHE E 47 18.16 40.15 -33.97
C PHE E 47 16.77 39.62 -34.11
N PHE E 48 16.64 38.31 -33.99
CA PHE E 48 15.37 37.75 -33.71
C PHE E 48 14.92 38.17 -32.32
N ALA E 49 15.83 38.24 -31.36
CA ALA E 49 15.41 38.54 -29.99
C ALA E 49 16.01 39.71 -29.18
N TYR E 50 15.11 40.53 -28.64
CA TYR E 50 15.27 41.29 -27.42
C TYR E 50 16.13 42.38 -26.78
N GLU E 51 15.93 43.59 -27.29
CA GLU E 51 16.72 44.78 -27.24
C GLU E 51 17.01 44.95 -25.76
N THR E 52 18.24 45.26 -25.38
CA THR E 52 18.56 45.65 -24.01
C THR E 52 19.94 46.28 -23.93
N THR E 53 20.19 47.02 -22.85
CA THR E 53 21.52 47.57 -22.56
C THR E 53 22.45 46.71 -21.68
N PHE E 54 21.94 46.16 -20.58
CA PHE E 54 22.77 45.28 -19.75
C PHE E 54 22.44 43.82 -19.94
N LEU E 55 21.74 43.49 -21.02
CA LEU E 55 21.48 42.09 -21.33
C LEU E 55 21.15 41.86 -22.82
N LYS E 56 21.43 40.66 -23.28
CA LYS E 56 21.12 40.33 -24.64
C LYS E 56 20.58 38.95 -24.62
N ILE E 57 19.40 38.73 -25.18
CA ILE E 57 19.00 37.37 -25.41
C ILE E 57 19.10 37.21 -26.90
N SER E 58 20.00 36.34 -27.34
CA SER E 58 20.25 36.22 -28.75
C SER E 58 19.91 34.83 -29.15
N PHE E 59 19.01 34.68 -30.11
CA PHE E 59 18.59 33.36 -30.47
C PHE E 59 19.57 32.71 -31.42
N THR E 60 20.77 32.44 -30.92
CA THR E 60 21.74 31.76 -31.72
C THR E 60 21.16 30.39 -32.04
N PHE E 61 20.50 29.82 -31.03
CA PHE E 61 19.59 28.70 -31.19
C PHE E 61 20.26 27.46 -31.74
N ILE E 62 21.51 27.26 -31.34
CA ILE E 62 22.31 26.14 -31.78
C ILE E 62 22.89 26.43 -33.13
N PRO E 63 22.62 27.70 -33.68
CA PRO E 63 23.19 27.87 -35.02
C PRO E 63 24.69 27.81 -34.86
N GLU E 64 25.16 28.53 -33.86
CA GLU E 64 26.57 28.52 -33.61
C GLU E 64 26.93 27.13 -33.24
N SER E 65 26.12 26.54 -32.35
CA SER E 65 26.34 25.11 -32.07
C SER E 65 26.17 24.22 -33.38
N LEU E 66 25.46 24.65 -34.44
CA LEU E 66 25.44 23.90 -35.72
C LEU E 66 26.85 23.95 -36.37
N ILE E 67 27.51 25.11 -36.35
CA ILE E 67 28.84 25.23 -36.96
C ILE E 67 29.85 24.58 -36.01
N GLY E 68 29.41 24.41 -34.77
CA GLY E 68 30.15 23.62 -33.81
C GLY E 68 30.03 22.17 -34.23
N MET E 69 28.87 21.72 -34.73
CA MET E 69 28.75 20.39 -35.33
C MET E 69 29.86 20.21 -36.31
N ILE E 70 29.83 21.16 -37.22
CA ILE E 70 30.18 20.86 -38.56
C ILE E 70 31.69 20.96 -38.67
N PHE E 71 32.31 22.02 -38.19
CA PHE E 71 33.76 22.00 -38.26
C PHE E 71 34.60 22.67 -37.16
N GLY E 72 34.54 22.08 -35.97
CA GLY E 72 35.54 22.23 -34.92
C GLY E 72 35.94 23.58 -34.34
N PRO E 73 36.86 23.53 -33.39
CA PRO E 73 37.21 24.71 -32.60
C PRO E 73 37.87 25.95 -33.20
N PHE E 74 38.96 25.83 -33.94
CA PHE E 74 39.60 27.04 -34.44
C PHE E 74 38.80 27.73 -35.52
N TRP E 75 38.43 26.94 -36.51
CA TRP E 75 37.68 27.48 -37.61
C TRP E 75 36.35 27.93 -37.09
N ALA E 76 35.75 27.14 -36.21
CA ALA E 76 34.43 27.47 -35.75
C ALA E 76 34.52 28.80 -35.08
N GLY E 77 35.53 28.97 -34.24
CA GLY E 77 35.62 30.21 -33.49
C GLY E 77 35.83 31.38 -34.42
N ILE E 78 36.72 31.19 -35.36
CA ILE E 78 37.07 32.27 -36.24
C ILE E 78 35.89 32.65 -37.08
N GLY E 79 35.18 31.63 -37.54
CA GLY E 79 34.08 31.82 -38.45
C GLY E 79 33.03 32.57 -37.71
N THR E 80 32.88 32.19 -36.46
CA THR E 80 31.86 32.74 -35.61
C THR E 80 32.16 34.22 -35.43
N ALA E 81 33.44 34.54 -35.25
CA ALA E 81 33.91 35.91 -35.12
C ALA E 81 33.69 36.76 -36.37
N VAL E 82 33.94 36.16 -37.54
CA VAL E 82 33.73 36.89 -38.77
C VAL E 82 32.25 37.19 -38.79
N ALA E 83 31.47 36.22 -38.37
CA ALA E 83 30.05 36.35 -38.37
C ALA E 83 29.60 37.48 -37.46
N ASP E 84 30.20 37.60 -36.28
CA ASP E 84 29.79 38.68 -35.39
C ASP E 84 30.08 40.03 -36.00
N VAL E 85 31.28 40.13 -36.57
CA VAL E 85 31.65 41.43 -37.11
C VAL E 85 30.66 41.76 -38.22
N VAL E 86 30.28 40.75 -38.99
CA VAL E 86 29.31 40.90 -40.06
C VAL E 86 27.90 41.24 -39.62
N GLY E 87 27.50 40.77 -38.44
CA GLY E 87 26.25 41.19 -37.86
C GLY E 87 26.30 42.65 -37.56
N MET E 88 27.42 43.07 -37.00
CA MET E 88 27.65 44.49 -36.75
C MET E 88 27.64 45.20 -38.09
N LEU E 89 27.94 44.46 -39.14
CA LEU E 89 28.24 45.00 -40.42
C LEU E 89 27.08 45.84 -40.81
N LEU E 90 25.87 45.28 -40.81
CA LEU E 90 24.80 46.18 -41.21
C LEU E 90 24.46 47.27 -40.22
N PHE E 91 24.15 46.91 -38.99
CA PHE E 91 23.96 47.93 -37.99
C PHE E 91 24.62 47.49 -36.72
N PRO E 92 25.38 48.37 -36.08
CA PRO E 92 25.70 48.08 -34.67
C PRO E 92 24.67 48.48 -33.61
N LYS E 93 24.19 49.71 -33.69
CA LYS E 93 23.35 50.21 -32.64
C LYS E 93 24.10 50.06 -31.30
N ALA E 94 25.41 50.25 -31.34
CA ALA E 94 26.30 50.11 -30.17
C ALA E 94 27.35 51.22 -30.24
N GLY E 95 28.08 51.48 -29.16
CA GLY E 95 28.03 50.67 -27.94
C GLY E 95 28.99 49.52 -28.11
N TYR E 96 29.85 49.58 -29.13
CA TYR E 96 30.73 48.45 -29.50
C TYR E 96 32.01 48.37 -28.66
N PHE E 97 32.34 47.16 -28.23
CA PHE E 97 33.60 46.92 -27.55
C PHE E 97 34.26 45.84 -28.36
N PRO E 98 35.59 45.86 -28.42
CA PRO E 98 36.32 44.99 -29.32
C PRO E 98 36.05 43.53 -29.01
N GLY E 99 35.93 43.22 -27.72
CA GLY E 99 36.05 41.86 -27.26
C GLY E 99 34.99 40.85 -27.61
N PHE E 100 33.80 41.29 -27.99
CA PHE E 100 32.62 40.49 -27.58
C PHE E 100 32.63 39.26 -28.47
N THR E 101 33.79 38.98 -29.05
CA THR E 101 33.96 37.95 -30.03
C THR E 101 35.04 36.97 -29.59
N LEU E 102 35.95 37.47 -28.75
CA LEU E 102 36.97 36.62 -28.17
C LEU E 102 36.18 35.59 -27.39
N ASN E 103 35.03 36.06 -26.91
CA ASN E 103 33.95 35.23 -26.42
C ASN E 103 33.31 34.38 -27.51
N ALA E 104 33.02 34.99 -28.68
CA ALA E 104 32.33 34.32 -29.80
C ALA E 104 33.22 33.20 -30.28
N PHE E 105 34.50 33.54 -30.33
CA PHE E 105 35.52 32.59 -30.69
C PHE E 105 35.45 31.45 -29.68
N LEU E 106 35.22 31.78 -28.41
CA LEU E 106 35.10 30.79 -27.33
C LEU E 106 33.80 30.00 -27.42
N ALA E 107 32.72 30.64 -27.83
CA ALA E 107 31.42 30.02 -27.94
C ALA E 107 31.58 28.92 -28.96
N GLY E 108 32.13 29.38 -30.08
CA GLY E 108 32.42 28.55 -31.20
C GLY E 108 33.36 27.47 -30.75
N ALA E 109 34.45 27.85 -30.09
CA ALA E 109 35.55 26.94 -29.74
C ALA E 109 35.14 25.83 -28.83
N ILE E 110 34.43 26.21 -27.78
CA ILE E 110 33.92 25.27 -26.81
C ILE E 110 32.96 24.32 -27.50
N TYR E 111 31.96 24.84 -28.19
CA TYR E 111 31.04 23.95 -28.89
C TYR E 111 31.63 23.27 -30.13
N GLY E 112 32.86 23.65 -30.46
CA GLY E 112 33.51 23.14 -31.63
C GLY E 112 33.73 21.64 -31.60
N TYR E 113 34.37 21.16 -30.54
CA TYR E 113 34.76 19.74 -30.42
C TYR E 113 33.95 19.00 -29.33
N PHE E 114 33.47 19.69 -28.27
CA PHE E 114 32.65 18.98 -27.31
C PHE E 114 31.46 18.48 -28.10
N LYS E 117 30.25 16.26 -33.27
CA LYS E 117 30.21 14.99 -33.99
C LYS E 117 30.75 13.83 -33.15
N LYS E 118 30.70 13.97 -31.83
CA LYS E 118 31.00 12.86 -30.93
C LYS E 118 29.70 12.22 -30.43
N TRP E 122 23.30 11.76 -22.01
CA TRP E 122 22.85 13.12 -21.82
C TRP E 122 23.95 13.96 -21.16
N GLN E 123 24.98 13.27 -20.66
CA GLN E 123 26.05 13.88 -19.87
C GLN E 123 26.96 14.98 -20.49
N ARG E 124 27.23 14.89 -21.79
CA ARG E 124 28.40 15.58 -22.30
C ARG E 124 28.00 16.83 -23.07
N VAL E 125 26.75 16.87 -23.55
CA VAL E 125 26.21 18.14 -24.02
C VAL E 125 26.02 19.09 -22.82
N ILE E 126 25.40 18.59 -21.75
CA ILE E 126 25.17 19.39 -20.53
C ILE E 126 26.50 19.89 -19.97
N LEU E 127 27.58 19.10 -19.99
CA LEU E 127 28.75 19.66 -19.31
C LEU E 127 29.44 20.75 -20.16
N ALA E 128 29.26 20.73 -21.48
CA ALA E 128 29.73 21.88 -22.27
C ALA E 128 28.89 23.10 -21.92
N THR E 129 27.58 22.91 -22.10
CA THR E 129 26.61 23.97 -21.92
C THR E 129 26.72 24.71 -20.59
N LEU E 130 27.02 24.00 -19.51
CA LEU E 130 27.25 24.70 -18.26
C LEU E 130 28.70 25.25 -18.14
N LEU E 131 29.71 24.40 -18.48
CA LEU E 131 31.14 24.78 -18.42
C LEU E 131 31.33 26.21 -18.94
N VAL E 132 30.77 26.44 -20.10
CA VAL E 132 30.92 27.78 -20.57
C VAL E 132 29.66 28.58 -20.87
N THR E 133 28.50 28.16 -20.38
CA THR E 133 27.58 29.23 -20.01
C THR E 133 28.26 30.08 -18.97
N VAL E 134 28.87 29.44 -17.96
CA VAL E 134 29.49 30.25 -16.97
C VAL E 134 30.60 30.97 -17.72
N LEU E 135 31.27 30.32 -18.67
CA LEU E 135 32.22 30.98 -19.57
C LEU E 135 32.11 32.22 -20.45
N ILE E 136 31.16 32.23 -21.39
CA ILE E 136 30.61 33.48 -22.04
C ILE E 136 29.83 34.47 -21.11
N ASN E 137 28.77 34.05 -20.43
CA ASN E 137 27.93 35.08 -19.77
C ASN E 137 28.39 35.60 -18.44
N ILE E 138 29.11 34.84 -17.61
CA ILE E 138 29.45 35.50 -16.35
C ILE E 138 30.97 35.55 -16.21
N ILE E 139 31.73 34.79 -17.00
CA ILE E 139 33.14 34.99 -16.80
C ILE E 139 33.40 36.28 -17.54
N LEU E 140 32.66 36.52 -18.62
CA LEU E 140 33.17 37.58 -19.46
C LEU E 140 32.17 38.51 -20.13
N THR E 141 30.88 38.21 -20.12
CA THR E 141 29.98 39.26 -20.57
C THR E 141 29.92 40.50 -19.64
N PRO E 142 29.79 40.30 -18.30
CA PRO E 142 29.85 41.53 -17.52
C PRO E 142 31.22 42.22 -17.39
N LEU E 143 32.34 41.48 -17.35
CA LEU E 143 33.69 42.08 -17.20
C LEU E 143 34.14 42.82 -18.45
N TRP E 144 33.53 42.42 -19.58
CA TRP E 144 33.73 43.03 -20.89
C TRP E 144 32.67 44.09 -21.10
N LEU E 145 31.83 44.30 -20.09
CA LEU E 145 30.73 45.30 -20.12
C LEU E 145 30.90 46.32 -18.99
N SER E 146 31.66 45.92 -17.98
CA SER E 146 32.00 46.78 -16.86
C SER E 146 33.07 47.74 -17.33
N LEU E 147 33.71 47.36 -18.42
CA LEU E 147 34.78 48.15 -19.02
C LEU E 147 34.13 49.32 -19.76
N MET E 148 32.83 49.16 -20.03
CA MET E 148 31.96 50.22 -20.52
C MET E 148 30.93 50.56 -19.45
N TYR E 149 30.75 51.85 -19.18
CA TYR E 149 29.98 52.34 -18.03
C TYR E 149 30.57 51.98 -16.68
N ASN E 155 24.23 51.76 -3.93
CA ASN E 155 24.85 50.66 -4.65
C ASN E 155 24.75 49.37 -3.87
N PHE E 156 23.88 48.46 -4.30
CA PHE E 156 23.74 47.16 -3.68
C PHE E 156 24.15 46.09 -4.67
N ALA E 157 23.35 45.96 -5.70
CA ALA E 157 23.67 45.16 -6.84
C ALA E 157 22.81 45.72 -7.94
N TRP E 158 23.23 45.52 -9.18
CA TRP E 158 22.48 45.92 -10.35
C TRP E 158 22.76 44.81 -11.36
N TRP E 159 22.79 43.59 -10.83
CA TRP E 159 23.43 42.46 -11.45
C TRP E 159 22.32 41.52 -11.87
N VAL E 160 21.40 41.29 -10.93
CA VAL E 160 20.51 40.16 -10.79
C VAL E 160 19.49 40.01 -11.90
N PRO E 161 19.33 41.10 -12.77
CA PRO E 161 18.41 40.81 -13.90
C PRO E 161 18.97 39.63 -14.68
N ARG E 162 20.29 39.61 -14.82
CA ARG E 162 21.01 38.40 -15.14
C ARG E 162 20.90 37.51 -13.90
N LEU E 163 20.73 36.20 -14.11
CA LEU E 163 20.55 35.26 -13.00
C LEU E 163 19.18 35.61 -12.43
N ILE E 164 18.29 35.95 -13.43
CA ILE E 164 16.84 35.82 -13.44
C ILE E 164 16.81 35.19 -14.83
N LYS E 165 17.67 35.60 -15.79
CA LYS E 165 18.34 34.46 -16.44
C LYS E 165 19.83 34.56 -16.83
N THR E 166 20.58 33.77 -16.05
CA THR E 166 21.60 32.82 -16.47
C THR E 166 20.96 31.50 -16.05
N VAL E 167 19.71 31.52 -15.54
CA VAL E 167 19.12 30.17 -15.28
C VAL E 167 17.58 29.82 -15.45
N ILE E 168 16.72 30.59 -16.16
CA ILE E 168 15.39 30.07 -16.67
C ILE E 168 15.50 29.31 -18.03
N PHE E 169 16.39 29.87 -18.86
CA PHE E 169 16.56 29.72 -20.31
C PHE E 169 17.72 28.75 -20.55
N PHE E 170 18.52 28.54 -19.51
CA PHE E 170 19.59 27.56 -19.59
C PHE E 170 19.36 26.32 -18.74
N PRO E 171 18.10 26.03 -18.42
CA PRO E 171 17.70 24.65 -18.74
C PRO E 171 17.33 24.45 -20.22
N ILE E 172 16.58 25.35 -20.86
CA ILE E 172 16.13 25.13 -22.24
C ILE E 172 17.18 25.16 -23.37
N GLN E 173 18.31 25.86 -23.20
CA GLN E 173 19.38 25.81 -24.21
C GLN E 173 19.92 24.40 -24.37
N VAL E 174 19.86 23.57 -23.33
CA VAL E 174 20.26 22.17 -23.49
C VAL E 174 19.11 21.41 -24.09
N ILE E 175 17.86 21.87 -24.01
CA ILE E 175 16.84 21.12 -24.74
C ILE E 175 16.95 21.55 -26.23
N ALA E 176 17.70 22.64 -26.44
CA ALA E 176 17.94 23.21 -27.77
C ALA E 176 19.16 22.55 -28.38
N THR E 177 20.24 22.42 -27.62
CA THR E 177 21.43 21.72 -28.08
C THR E 177 21.08 20.23 -28.07
N TYR E 178 20.04 19.86 -27.31
CA TYR E 178 19.50 18.52 -27.42
C TYR E 178 18.91 18.28 -28.81
N TYR E 179 17.78 18.92 -29.16
CA TYR E 179 17.20 18.51 -30.46
C TYR E 179 17.87 19.28 -31.63
N LEU E 180 19.03 19.92 -31.37
CA LEU E 180 19.87 20.46 -32.44
C LEU E 180 20.34 19.39 -33.39
N GLY E 181 20.83 18.34 -32.73
CA GLY E 181 21.63 17.32 -33.36
C GLY E 181 21.15 15.90 -33.19
N ASN E 182 20.29 15.64 -32.21
CA ASN E 182 19.68 14.32 -32.12
C ASN E 182 18.48 14.25 -33.06
N PHE E 190 36.25 19.45 -43.33
CA PHE E 190 35.98 20.82 -42.90
C PHE E 190 36.73 21.14 -41.61
N GLY E 191 37.21 20.11 -40.94
CA GLY E 191 37.94 20.28 -39.69
C GLY E 191 39.40 20.59 -39.91
N LYS E 192 39.66 21.60 -40.75
CA LYS E 192 41.04 22.00 -41.05
C LYS E 192 41.67 22.79 -39.87
N PRO E 193 43.04 23.13 -39.90
CA PRO E 193 43.79 22.72 -41.09
C PRO E 193 44.63 21.48 -40.82
N GLY F 27 -5.48 20.66 16.04
CA GLY F 27 -5.75 19.23 15.98
C GLY F 27 -4.65 18.40 16.69
N THR F 28 -4.58 17.09 16.39
CA THR F 28 -3.56 16.21 16.99
C THR F 28 -2.75 15.36 16.03
N LYS F 29 -3.34 14.99 14.89
CA LYS F 29 -2.61 14.27 13.84
C LYS F 29 -1.74 15.27 13.09
N SER F 30 -2.23 16.52 13.11
CA SER F 30 -1.53 17.65 12.55
C SER F 30 -0.11 17.64 13.10
N ILE F 31 -0.03 17.34 14.40
CA ILE F 31 1.24 17.22 15.09
C ILE F 31 1.99 15.91 14.77
N ALA F 32 1.29 14.91 14.24
CA ALA F 32 1.97 13.67 13.85
C ALA F 32 2.80 13.84 12.59
N LEU F 33 2.17 14.18 11.47
CA LEU F 33 2.92 14.18 10.24
C LEU F 33 4.06 15.14 10.43
N MET F 34 3.80 16.21 11.17
CA MET F 34 4.79 17.23 11.29
C MET F 34 6.03 16.64 11.85
N GLY F 35 5.90 15.86 12.91
CA GLY F 35 7.09 15.38 13.60
C GLY F 35 7.97 14.45 12.80
N VAL F 36 7.35 13.47 12.18
CA VAL F 36 8.10 12.51 11.42
C VAL F 36 8.77 13.29 10.33
N LEU F 37 8.01 14.21 9.76
CA LEU F 37 8.54 14.98 8.66
C LEU F 37 9.70 15.88 9.00
N ILE F 38 9.66 16.50 10.15
CA ILE F 38 10.75 17.31 10.60
C ILE F 38 11.98 16.45 10.81
N ALA F 39 11.77 15.26 11.35
CA ALA F 39 12.91 14.38 11.57
C ALA F 39 13.46 14.09 10.21
N VAL F 40 12.57 13.90 9.27
CA VAL F 40 12.95 13.54 7.93
C VAL F 40 13.78 14.64 7.37
N VAL F 41 13.34 15.85 7.59
CA VAL F 41 14.00 16.99 7.03
C VAL F 41 15.40 17.07 7.55
N VAL F 42 15.55 16.92 8.86
CA VAL F 42 16.87 17.06 9.43
C VAL F 42 17.78 15.96 8.92
N VAL F 43 17.26 14.75 8.85
CA VAL F 43 18.10 13.64 8.48
C VAL F 43 18.58 13.92 7.08
N PHE F 44 17.65 14.37 6.25
CA PHE F 44 17.96 14.53 4.85
C PHE F 44 19.03 15.58 4.72
N SER F 45 18.87 16.65 5.46
CA SER F 45 19.79 17.74 5.33
C SER F 45 21.17 17.32 5.72
N ARG F 46 21.33 16.58 6.81
CA ARG F 46 22.71 16.23 7.21
C ARG F 46 23.15 14.77 7.32
N PHE F 47 22.25 13.84 7.04
CA PHE F 47 22.61 12.43 6.97
C PHE F 47 22.96 12.01 5.55
N PHE F 48 22.19 12.46 4.56
CA PHE F 48 22.48 12.09 3.18
C PHE F 48 22.95 13.30 2.43
N ALA F 49 23.65 14.20 3.10
CA ALA F 49 23.93 15.49 2.50
C ALA F 49 25.39 15.77 2.27
N TYR F 50 25.72 16.38 1.13
CA TYR F 50 27.10 16.80 0.86
C TYR F 50 27.50 18.05 1.67
N GLU F 51 28.68 17.96 2.28
CA GLU F 51 29.01 18.50 3.61
C GLU F 51 29.11 19.96 4.08
N THR F 52 29.81 20.87 3.39
CA THR F 52 30.51 21.92 4.13
C THR F 52 30.89 23.27 3.51
N THR F 53 31.81 23.93 4.19
CA THR F 53 32.54 24.98 3.56
C THR F 53 31.54 25.95 3.00
N PHE F 54 30.51 26.22 3.77
CA PHE F 54 29.59 27.30 3.43
C PHE F 54 29.01 27.16 2.03
N LEU F 55 28.66 25.94 1.66
CA LEU F 55 27.81 25.73 0.51
C LEU F 55 27.03 24.44 0.66
N LYS F 56 25.81 24.36 0.14
CA LYS F 56 25.31 23.03 -0.14
C LYS F 56 24.05 22.80 -1.03
N ILE F 57 24.10 21.62 -1.69
CA ILE F 57 22.97 21.01 -2.37
C ILE F 57 22.19 20.50 -1.15
N SER F 58 21.35 21.35 -0.55
CA SER F 58 20.71 21.05 0.72
C SER F 58 19.95 19.74 0.80
N PHE F 59 19.41 19.26 -0.31
CA PHE F 59 18.79 17.95 -0.37
C PHE F 59 17.58 18.01 0.59
N THR F 60 17.13 19.25 0.83
CA THR F 60 15.97 19.54 1.69
C THR F 60 14.78 19.83 0.80
N PHE F 61 14.98 19.78 -0.49
CA PHE F 61 13.94 20.25 -1.39
C PHE F 61 12.62 19.48 -1.28
N ILE F 62 12.69 18.16 -1.26
CA ILE F 62 11.46 17.37 -1.27
C ILE F 62 10.62 17.49 0.02
N PRO F 63 11.35 17.33 1.21
CA PRO F 63 10.50 17.30 2.41
C PRO F 63 9.76 18.61 2.60
N GLU F 64 10.48 19.70 2.37
CA GLU F 64 9.94 21.04 2.51
C GLU F 64 8.81 21.29 1.53
N SER F 65 8.99 20.92 0.26
CA SER F 65 7.92 21.17 -0.70
C SER F 65 6.67 20.55 -0.08
N LEU F 66 6.85 19.35 0.45
CA LEU F 66 5.71 18.72 1.13
C LEU F 66 5.17 19.50 2.35
N ILE F 67 6.04 20.02 3.19
CA ILE F 67 5.57 20.70 4.39
C ILE F 67 4.72 21.84 3.91
N GLY F 68 5.21 22.55 2.89
CA GLY F 68 4.54 23.76 2.49
C GLY F 68 3.17 23.42 1.97
N MET F 69 3.12 22.39 1.13
CA MET F 69 1.89 22.07 0.45
C MET F 69 0.88 21.78 1.55
N ILE F 70 1.33 21.07 2.56
CA ILE F 70 0.46 20.79 3.71
C ILE F 70 -0.05 21.89 4.65
N PHE F 71 0.81 22.80 5.12
CA PHE F 71 0.51 23.43 6.42
C PHE F 71 0.25 24.92 6.59
N GLY F 72 0.01 25.58 5.49
CA GLY F 72 0.69 26.70 4.91
C GLY F 72 -0.16 27.55 4.00
N PRO F 73 0.39 28.71 3.57
CA PRO F 73 1.69 29.37 3.73
C PRO F 73 2.34 29.40 5.14
N PHE F 74 1.69 30.04 6.13
CA PHE F 74 2.33 30.44 7.39
C PHE F 74 2.82 29.34 8.36
N TRP F 75 2.00 28.32 8.61
CA TRP F 75 2.40 27.29 9.56
C TRP F 75 3.42 26.36 8.94
N ALA F 76 3.58 26.52 7.63
CA ALA F 76 4.65 25.86 6.91
C ALA F 76 5.99 26.49 7.11
N GLY F 77 5.96 27.80 6.96
CA GLY F 77 7.13 28.62 7.18
C GLY F 77 7.68 28.43 8.57
N ILE F 78 6.78 28.64 9.53
CA ILE F 78 7.18 28.49 10.91
C ILE F 78 7.55 26.98 11.07
N GLY F 79 6.92 26.12 10.25
CA GLY F 79 7.20 24.69 10.20
C GLY F 79 8.64 24.25 9.90
N THR F 80 9.25 24.78 8.86
CA THR F 80 10.63 24.35 8.76
C THR F 80 11.57 25.20 9.59
N ALA F 81 11.06 26.33 10.08
CA ALA F 81 11.83 26.96 11.16
C ALA F 81 12.01 25.97 12.29
N VAL F 82 10.91 25.30 12.64
CA VAL F 82 11.02 24.34 13.73
C VAL F 82 12.01 23.22 13.26
N ALA F 83 11.84 22.66 12.05
CA ALA F 83 12.79 21.58 11.69
C ALA F 83 14.27 21.95 11.67
N ASP F 84 14.58 23.16 11.24
CA ASP F 84 15.98 23.60 11.25
C ASP F 84 16.50 23.75 12.69
N VAL F 85 15.73 24.40 13.55
CA VAL F 85 16.20 24.73 14.89
C VAL F 85 16.49 23.58 15.85
N VAL F 86 15.64 22.55 15.89
CA VAL F 86 15.93 21.37 16.70
C VAL F 86 17.13 20.58 16.19
N GLY F 87 17.22 20.45 14.87
CA GLY F 87 18.29 19.65 14.31
C GLY F 87 19.56 20.33 14.73
N MET F 88 19.53 21.66 14.66
CA MET F 88 20.71 22.41 14.98
C MET F 88 21.05 22.09 16.40
N LEU F 89 20.05 22.03 17.26
CA LEU F 89 20.29 21.62 18.61
C LEU F 89 20.76 20.20 18.60
N LEU F 90 20.15 19.40 17.75
CA LEU F 90 20.43 18.00 17.77
C LEU F 90 21.90 17.82 17.47
N PHE F 91 22.40 18.61 16.52
CA PHE F 91 23.79 18.58 16.09
C PHE F 91 24.44 19.94 16.23
N PRO F 92 25.49 20.03 17.15
CA PRO F 92 26.17 21.34 17.12
C PRO F 92 26.92 21.46 15.81
N LYS F 93 26.88 22.62 15.16
CA LYS F 93 27.70 22.82 13.98
C LYS F 93 27.89 24.28 13.59
N ALA F 94 28.90 24.54 12.79
CA ALA F 94 29.14 25.87 12.28
C ALA F 94 29.07 26.88 13.40
N PHE F 97 22.36 30.83 13.82
CA PHE F 97 20.96 30.65 14.17
C PHE F 97 20.01 31.54 13.36
N PRO F 98 20.21 32.93 13.52
CA PRO F 98 19.10 33.72 12.98
C PRO F 98 18.92 33.68 11.48
N GLY F 99 20.01 33.83 10.75
CA GLY F 99 19.89 34.03 9.33
C GLY F 99 19.30 32.77 8.80
N PHE F 100 19.86 31.66 9.26
CA PHE F 100 19.48 30.35 8.77
C PHE F 100 18.00 30.10 9.03
N THR F 101 17.54 30.51 10.20
CA THR F 101 16.13 30.36 10.53
C THR F 101 15.16 31.23 9.72
N LEU F 102 15.57 32.45 9.40
CA LEU F 102 14.74 33.27 8.54
C LEU F 102 14.66 32.58 7.22
N ASN F 103 15.78 32.01 6.80
CA ASN F 103 15.79 31.34 5.52
C ASN F 103 14.76 30.24 5.59
N ALA F 104 14.72 29.52 6.69
CA ALA F 104 13.79 28.41 6.83
C ALA F 104 12.36 28.87 6.76
N PHE F 105 12.05 29.93 7.49
CA PHE F 105 10.68 30.36 7.55
C PHE F 105 10.28 30.71 6.16
N LEU F 106 11.19 31.39 5.50
CA LEU F 106 10.93 31.92 4.18
C LEU F 106 10.68 30.84 3.17
N ALA F 107 11.48 29.80 3.19
CA ALA F 107 11.33 28.77 2.20
C ALA F 107 9.98 28.18 2.41
N GLY F 108 9.67 27.90 3.66
CA GLY F 108 8.45 27.15 3.89
C GLY F 108 7.31 27.99 3.38
N ALA F 109 7.34 29.25 3.75
CA ALA F 109 6.23 30.13 3.45
C ALA F 109 6.06 30.32 1.96
N ILE F 110 7.14 30.52 1.24
CA ILE F 110 7.01 30.76 -0.19
C ILE F 110 6.48 29.53 -0.86
N TYR F 111 6.98 28.38 -0.45
CA TYR F 111 6.56 27.16 -1.10
C TYR F 111 5.08 27.04 -0.92
N GLY F 112 4.60 27.36 0.29
CA GLY F 112 3.17 27.33 0.52
C GLY F 112 2.35 28.35 -0.23
N TYR F 113 2.79 29.59 -0.26
CA TYR F 113 1.94 30.65 -0.75
C TYR F 113 1.65 30.36 -2.17
N PHE F 114 2.66 30.02 -2.94
CA PHE F 114 2.36 29.97 -4.36
C PHE F 114 1.53 28.72 -4.81
N TYR F 115 1.75 27.54 -4.22
CA TYR F 115 1.20 26.27 -4.78
C TYR F 115 0.18 25.57 -3.88
N MET F 120 -7.22 19.64 -10.63
CA MET F 120 -7.80 19.30 -11.93
C MET F 120 -7.59 20.42 -12.94
N THR F 121 -7.35 21.63 -12.43
CA THR F 121 -7.14 22.78 -13.29
C THR F 121 -5.89 23.56 -12.90
N TRP F 122 -4.98 23.63 -13.86
CA TRP F 122 -3.67 24.22 -13.68
C TRP F 122 -3.48 25.36 -14.66
N GLN F 123 -3.31 26.57 -14.13
CA GLN F 123 -2.95 27.69 -14.96
C GLN F 123 -1.88 28.45 -14.24
N ARG F 124 -0.78 27.75 -14.02
CA ARG F 124 0.43 28.34 -13.50
C ARG F 124 1.59 27.44 -13.89
N VAL F 125 2.79 27.98 -13.81
CA VAL F 125 3.96 27.23 -14.18
C VAL F 125 4.91 27.88 -13.19
N ILE F 126 6.21 27.59 -13.30
CA ILE F 126 7.28 27.42 -12.31
C ILE F 126 8.12 28.63 -11.82
N LEU F 127 7.82 29.86 -12.22
CA LEU F 127 8.73 30.96 -11.94
C LEU F 127 8.98 31.02 -10.45
N ALA F 128 7.92 30.86 -9.70
CA ALA F 128 7.94 30.77 -8.24
C ALA F 128 9.14 29.95 -7.72
N THR F 129 9.41 28.80 -8.32
CA THR F 129 10.56 27.98 -7.92
C THR F 129 11.86 28.69 -8.20
N LEU F 130 11.91 29.33 -9.35
CA LEU F 130 13.10 30.06 -9.73
C LEU F 130 13.30 31.14 -8.73
N LEU F 131 12.22 31.79 -8.35
CA LEU F 131 12.33 32.92 -7.49
C LEU F 131 12.90 32.43 -6.21
N VAL F 132 12.40 31.31 -5.72
CA VAL F 132 12.83 30.87 -4.41
C VAL F 132 14.31 30.62 -4.53
N THR F 133 14.69 29.93 -5.59
CA THR F 133 16.06 29.49 -5.76
C THR F 133 16.98 30.69 -5.82
N VAL F 134 16.58 31.71 -6.58
CA VAL F 134 17.41 32.89 -6.72
C VAL F 134 17.50 33.70 -5.44
N LEU F 135 16.36 34.17 -4.98
CA LEU F 135 16.47 35.25 -4.08
C LEU F 135 17.20 34.73 -2.89
N ILE F 136 16.73 33.59 -2.40
CA ILE F 136 17.09 33.26 -1.07
C ILE F 136 18.53 32.88 -0.90
N ASN F 137 19.00 31.85 -1.63
CA ASN F 137 20.32 31.34 -1.29
C ASN F 137 21.27 32.43 -1.55
N ILE F 138 21.21 32.97 -2.75
CA ILE F 138 22.27 33.87 -3.11
C ILE F 138 22.26 35.06 -2.16
N ILE F 139 21.13 35.76 -2.03
CA ILE F 139 21.28 37.04 -1.35
C ILE F 139 21.57 36.71 0.09
N LEU F 140 20.67 35.90 0.58
CA LEU F 140 20.55 35.81 2.00
C LEU F 140 21.81 35.16 2.48
N THR F 141 22.20 34.15 1.75
CA THR F 141 23.18 33.26 2.27
C THR F 141 24.54 33.93 2.25
N PRO F 142 24.97 34.51 1.02
CA PRO F 142 26.11 35.41 1.21
C PRO F 142 25.96 36.48 2.28
N LEU F 143 24.83 37.14 2.49
CA LEU F 143 24.81 38.21 3.47
C LEU F 143 25.22 37.63 4.78
N TRP F 144 24.57 36.54 5.10
CA TRP F 144 24.74 35.95 6.39
C TRP F 144 26.17 35.41 6.56
N LEU F 145 26.71 34.82 5.50
CA LEU F 145 28.03 34.23 5.53
C LEU F 145 29.04 35.32 5.81
N SER F 146 28.87 36.43 5.11
CA SER F 146 29.85 37.49 5.19
C SER F 146 29.83 37.92 6.63
N LEU F 147 28.62 38.06 7.14
CA LEU F 147 28.49 38.54 8.50
C LEU F 147 29.17 37.58 9.45
N MET F 148 29.09 36.27 9.19
CA MET F 148 29.63 35.36 10.17
C MET F 148 31.11 35.09 9.86
N TYR F 149 31.48 34.58 8.67
CA TYR F 149 32.92 34.31 8.45
C TYR F 149 33.68 35.58 7.95
N GLY F 150 33.37 36.73 8.54
CA GLY F 150 34.13 37.96 8.32
C GLY F 150 34.35 38.53 6.93
N ASN F 155 32.56 39.55 -6.78
CA ASN F 155 33.62 39.30 -7.74
C ASN F 155 34.55 38.15 -7.35
N PHE F 156 35.21 37.58 -8.34
CA PHE F 156 35.96 36.35 -8.16
C PHE F 156 37.07 36.50 -7.11
N ALA F 157 37.28 35.43 -6.36
CA ALA F 157 36.62 34.17 -6.68
C ALA F 157 35.73 33.83 -5.50
N TRP F 158 35.06 34.86 -4.98
CA TRP F 158 34.12 34.74 -3.85
C TRP F 158 32.80 33.96 -4.04
N TRP F 159 32.11 34.17 -5.16
CA TRP F 159 30.87 33.46 -5.41
C TRP F 159 30.87 32.59 -6.70
N VAL F 160 32.00 31.95 -6.97
CA VAL F 160 32.07 30.97 -8.06
C VAL F 160 31.24 29.67 -7.80
N PRO F 161 31.39 29.08 -6.57
CA PRO F 161 31.22 27.65 -6.34
C PRO F 161 29.80 27.33 -6.66
N ARG F 162 29.05 28.40 -6.44
CA ARG F 162 27.70 28.31 -6.03
C ARG F 162 26.79 28.80 -7.11
N LEU F 163 27.30 29.53 -8.09
CA LEU F 163 26.44 29.76 -9.23
C LEU F 163 26.69 28.57 -10.17
N ILE F 164 27.94 28.04 -10.18
CA ILE F 164 28.11 26.75 -10.89
C ILE F 164 27.17 25.70 -10.27
N LYS F 165 26.97 25.76 -8.94
CA LYS F 165 26.08 24.78 -8.31
C LYS F 165 24.58 25.16 -8.31
N THR F 166 24.20 26.44 -8.39
CA THR F 166 22.77 26.80 -8.42
C THR F 166 22.29 26.30 -9.77
N VAL F 167 23.22 26.33 -10.75
CA VAL F 167 22.88 25.86 -12.08
C VAL F 167 23.03 24.32 -12.12
N ILE F 168 23.88 23.71 -11.27
CA ILE F 168 23.78 22.23 -11.09
C ILE F 168 22.41 21.82 -10.74
N PHE F 169 21.91 22.63 -9.83
CA PHE F 169 20.94 22.16 -8.90
C PHE F 169 19.57 22.39 -9.34
N PHE F 170 19.34 23.35 -10.22
CA PHE F 170 17.92 23.45 -10.40
C PHE F 170 17.18 23.05 -11.74
N PRO F 171 17.86 22.82 -12.86
CA PRO F 171 16.94 22.07 -13.76
C PRO F 171 16.56 20.72 -13.09
N ILE F 172 17.50 20.21 -12.30
CA ILE F 172 17.33 19.01 -11.51
C ILE F 172 16.16 19.30 -10.52
N GLN F 173 16.06 20.56 -10.08
CA GLN F 173 14.99 21.06 -9.24
C GLN F 173 13.62 21.00 -9.84
N VAL F 174 13.53 21.48 -11.07
CA VAL F 174 12.23 21.65 -11.64
C VAL F 174 11.68 20.30 -12.02
N ILE F 175 12.56 19.41 -12.44
CA ILE F 175 12.04 18.12 -12.86
C ILE F 175 11.90 17.18 -11.65
N ALA F 176 12.51 17.56 -10.53
CA ALA F 176 12.39 16.73 -9.35
C ALA F 176 11.16 17.09 -8.48
N THR F 177 10.92 18.38 -8.22
CA THR F 177 9.71 18.74 -7.48
C THR F 177 8.50 18.60 -8.42
N TYR F 178 8.71 18.67 -9.73
CA TYR F 178 7.63 18.27 -10.64
C TYR F 178 7.32 16.81 -10.42
N TYR F 179 8.35 15.97 -10.26
CA TYR F 179 8.02 14.55 -10.08
C TYR F 179 7.49 14.21 -8.67
N LEU F 180 7.92 14.91 -7.62
CA LEU F 180 7.30 14.72 -6.31
C LEU F 180 5.84 15.13 -6.35
N GLY F 181 5.51 16.17 -7.11
CA GLY F 181 4.16 16.69 -7.04
C GLY F 181 3.20 16.00 -8.00
N ASN F 182 3.70 15.30 -8.99
CA ASN F 182 2.83 14.40 -9.69
C ASN F 182 3.45 13.03 -9.67
N LYS F 183 3.93 12.65 -8.49
CA LYS F 183 4.59 11.39 -8.31
C LYS F 183 3.68 10.28 -8.78
N LEU F 189 -7.19 16.17 -0.22
CA LEU F 189 -8.07 16.92 0.65
C LEU F 189 -7.65 16.79 2.10
N PHE F 190 -6.57 17.47 2.44
CA PHE F 190 -6.16 17.66 3.82
C PHE F 190 -5.27 18.87 3.87
N GLY F 191 -5.11 19.44 5.05
CA GLY F 191 -4.22 20.54 5.24
C GLY F 191 -3.41 20.26 6.49
#